data_4U3L
# 
_entry.id   4U3L 
# 
_audit_conform.dict_name       mmcif_pdbx.dic 
_audit_conform.dict_version    5.391 
_audit_conform.dict_location   http://mmcif.pdb.org/dictionaries/ascii/mmcif_pdbx.dic 
# 
loop_
_database_2.database_id 
_database_2.database_code 
_database_2.pdbx_database_accession 
_database_2.pdbx_DOI 
PDB   4U3L         pdb_00004u3l 10.2210/pdb4u3l/pdb 
WWPDB D_1000202752 ?            ?                   
# 
loop_
_pdbx_audit_revision_history.ordinal 
_pdbx_audit_revision_history.data_content_type 
_pdbx_audit_revision_history.major_revision 
_pdbx_audit_revision_history.minor_revision 
_pdbx_audit_revision_history.revision_date 
1 'Structure model' 1 0 2015-07-29 
2 'Structure model' 1 1 2016-07-13 
3 'Structure model' 1 2 2024-05-08 
# 
_pdbx_audit_revision_details.ordinal             1 
_pdbx_audit_revision_details.revision_ordinal    1 
_pdbx_audit_revision_details.data_content_type   'Structure model' 
_pdbx_audit_revision_details.provider            repository 
_pdbx_audit_revision_details.type                'Initial release' 
_pdbx_audit_revision_details.description         ? 
_pdbx_audit_revision_details.details             ? 
# 
loop_
_pdbx_audit_revision_group.ordinal 
_pdbx_audit_revision_group.revision_ordinal 
_pdbx_audit_revision_group.data_content_type 
_pdbx_audit_revision_group.group 
1 2 'Structure model' 'Database references'  
2 3 'Structure model' 'Data collection'      
3 3 'Structure model' 'Database references'  
4 3 'Structure model' 'Derived calculations' 
# 
loop_
_pdbx_audit_revision_category.ordinal 
_pdbx_audit_revision_category.revision_ordinal 
_pdbx_audit_revision_category.data_content_type 
_pdbx_audit_revision_category.category 
1 3 'Structure model' chem_comp_atom              
2 3 'Structure model' chem_comp_bond              
3 3 'Structure model' database_2                  
4 3 'Structure model' diffrn_radiation_wavelength 
5 3 'Structure model' pdbx_struct_conn_angle      
6 3 'Structure model' struct_conn                 
# 
loop_
_pdbx_audit_revision_item.ordinal 
_pdbx_audit_revision_item.revision_ordinal 
_pdbx_audit_revision_item.data_content_type 
_pdbx_audit_revision_item.item 
1  3 'Structure model' '_database_2.pdbx_DOI'                        
2  3 'Structure model' '_database_2.pdbx_database_accession'         
3  3 'Structure model' '_pdbx_struct_conn_angle.ptnr1_auth_asym_id'  
4  3 'Structure model' '_pdbx_struct_conn_angle.ptnr1_auth_comp_id'  
5  3 'Structure model' '_pdbx_struct_conn_angle.ptnr1_auth_seq_id'   
6  3 'Structure model' '_pdbx_struct_conn_angle.ptnr1_label_asym_id' 
7  3 'Structure model' '_pdbx_struct_conn_angle.ptnr1_label_atom_id' 
8  3 'Structure model' '_pdbx_struct_conn_angle.ptnr1_label_comp_id' 
9  3 'Structure model' '_pdbx_struct_conn_angle.ptnr1_label_seq_id'  
10 3 'Structure model' '_pdbx_struct_conn_angle.ptnr3_auth_asym_id'  
11 3 'Structure model' '_pdbx_struct_conn_angle.ptnr3_auth_comp_id'  
12 3 'Structure model' '_pdbx_struct_conn_angle.ptnr3_auth_seq_id'   
13 3 'Structure model' '_pdbx_struct_conn_angle.ptnr3_label_asym_id' 
14 3 'Structure model' '_pdbx_struct_conn_angle.ptnr3_label_atom_id' 
15 3 'Structure model' '_pdbx_struct_conn_angle.ptnr3_label_comp_id' 
16 3 'Structure model' '_pdbx_struct_conn_angle.ptnr3_label_seq_id'  
17 3 'Structure model' '_pdbx_struct_conn_angle.value'               
18 3 'Structure model' '_struct_conn.pdbx_dist_value'                
19 3 'Structure model' '_struct_conn.ptnr1_auth_asym_id'             
20 3 'Structure model' '_struct_conn.ptnr1_auth_comp_id'             
21 3 'Structure model' '_struct_conn.ptnr1_auth_seq_id'              
22 3 'Structure model' '_struct_conn.ptnr1_label_asym_id'            
23 3 'Structure model' '_struct_conn.ptnr1_label_atom_id'            
24 3 'Structure model' '_struct_conn.ptnr1_label_comp_id'            
25 3 'Structure model' '_struct_conn.ptnr1_label_seq_id'             
26 3 'Structure model' '_struct_conn.ptnr2_auth_asym_id'             
27 3 'Structure model' '_struct_conn.ptnr2_auth_seq_id'              
28 3 'Structure model' '_struct_conn.ptnr2_label_asym_id'            
29 3 'Structure model' '_struct_conn.ptnr2_symmetry'                 
# 
_pdbx_database_status.status_code                     REL 
_pdbx_database_status.status_code_sf                  REL 
_pdbx_database_status.status_code_mr                  ? 
_pdbx_database_status.entry_id                        4U3L 
_pdbx_database_status.recvd_initial_deposition_date   2014-07-22 
_pdbx_database_status.SG_entry                        N 
_pdbx_database_status.deposit_site                    RCSB 
_pdbx_database_status.process_site                    PDBE 
_pdbx_database_status.status_code_cs                  ? 
_pdbx_database_status.methods_development_category    ? 
_pdbx_database_status.pdb_format_compatible           Y 
_pdbx_database_status.status_code_nmr_data            ? 
# 
loop_
_audit_author.name 
_audit_author.pdbx_ordinal 
'Schaffer, M.F.' 1 
'Spingler, B.'   2 
'Schnabl, J.'    3 
'Peng, G.'       4 
'Olieric, V.'    5 
'Sigel, R.K.O.'  6 
# 
_citation.abstract                  ? 
_citation.abstract_id_CAS           ? 
_citation.book_id_ISBN              ? 
_citation.book_publisher            ? 
_citation.book_publisher_city       ? 
_citation.book_title                ? 
_citation.coordinate_linkage        ? 
_citation.country                   CH 
_citation.database_id_Medline       ? 
_citation.details                   ? 
_citation.id                        primary 
_citation.journal_abbrev            'Int J Mol Sci' 
_citation.journal_id_ASTM           ? 
_citation.journal_id_CSD            ? 
_citation.journal_id_ISSN           1422-0067 
_citation.journal_full              ? 
_citation.journal_issue             ? 
_citation.journal_volume            17 
_citation.language                  ? 
_citation.page_first                ? 
_citation.page_last                 ? 
_citation.title                     
'The X-ray Structures of Six Octameric RNA Duplexes in the Presence of Different Di- and Trivalent Cations.' 
_citation.year                      2016 
_citation.database_id_CSD           ? 
_citation.pdbx_database_id_DOI      10.3390/ijms17070988 
_citation.pdbx_database_id_PubMed   27355942 
_citation.unpublished_flag          ? 
# 
loop_
_citation_author.citation_id 
_citation_author.name 
_citation_author.ordinal 
_citation_author.identifier_ORCID 
primary 'Schaffer, M.F.' 1 ? 
primary 'Peng, G.'       2 ? 
primary 'Spingler, B.'   3 ? 
primary 'Schnabl, J.'    4 ? 
primary 'Wang, M.'       5 ? 
primary 'Olieric, V.'    6 ? 
primary 'Sigel, R.K.'    7 ? 
# 
loop_
_entity.id 
_entity.type 
_entity.src_method 
_entity.pdbx_description 
_entity.formula_weight 
_entity.pdbx_number_of_molecules 
_entity.pdbx_ec 
_entity.pdbx_mutation 
_entity.pdbx_fragment 
_entity.details 
1 polymer     syn 
;RNA (5'-R(*UP*CP*GP*UP*AP*CP*GP*A)-3')
;
2526.561 2  ? ? ? ? 
2 non-polymer syn 'CALCIUM ION'                            40.078   3  ? ? ? ? 
3 water       nat water                                    18.015   53 ? ? ? ? 
# 
_entity_poly.entity_id                      1 
_entity_poly.type                           polyribonucleotide 
_entity_poly.nstd_linkage                   no 
_entity_poly.nstd_monomer                   no 
_entity_poly.pdbx_seq_one_letter_code       UCGUACGA 
_entity_poly.pdbx_seq_one_letter_code_can   UCGUACGA 
_entity_poly.pdbx_strand_id                 A,B 
_entity_poly.pdbx_target_identifier         ? 
# 
loop_
_pdbx_entity_nonpoly.entity_id 
_pdbx_entity_nonpoly.name 
_pdbx_entity_nonpoly.comp_id 
2 'CALCIUM ION' CA  
3 water         HOH 
# 
loop_
_entity_poly_seq.entity_id 
_entity_poly_seq.num 
_entity_poly_seq.mon_id 
_entity_poly_seq.hetero 
1 1 U n 
1 2 C n 
1 3 G n 
1 4 U n 
1 5 A n 
1 6 C n 
1 7 G n 
1 8 A n 
# 
_pdbx_entity_src_syn.entity_id              1 
_pdbx_entity_src_syn.pdbx_src_id            1 
_pdbx_entity_src_syn.pdbx_alt_source_flag   sample 
_pdbx_entity_src_syn.pdbx_beg_seq_num       1 
_pdbx_entity_src_syn.pdbx_end_seq_num       8 
_pdbx_entity_src_syn.organism_scientific    'synthetic construct' 
_pdbx_entity_src_syn.organism_common_name   ? 
_pdbx_entity_src_syn.ncbi_taxonomy_id       32630 
_pdbx_entity_src_syn.details                ? 
# 
loop_
_chem_comp.id 
_chem_comp.type 
_chem_comp.mon_nstd_flag 
_chem_comp.name 
_chem_comp.pdbx_synonyms 
_chem_comp.formula 
_chem_comp.formula_weight 
A   'RNA linking' y "ADENOSINE-5'-MONOPHOSPHATE" ? 'C10 H14 N5 O7 P' 347.221 
C   'RNA linking' y "CYTIDINE-5'-MONOPHOSPHATE"  ? 'C9 H14 N3 O8 P'  323.197 
CA  non-polymer   . 'CALCIUM ION'                ? 'Ca 2'            40.078  
G   'RNA linking' y "GUANOSINE-5'-MONOPHOSPHATE" ? 'C10 H14 N5 O8 P' 363.221 
HOH non-polymer   . WATER                        ? 'H2 O'            18.015  
U   'RNA linking' y "URIDINE-5'-MONOPHOSPHATE"   ? 'C9 H13 N2 O9 P'  324.181 
# 
loop_
_pdbx_poly_seq_scheme.asym_id 
_pdbx_poly_seq_scheme.entity_id 
_pdbx_poly_seq_scheme.seq_id 
_pdbx_poly_seq_scheme.mon_id 
_pdbx_poly_seq_scheme.ndb_seq_num 
_pdbx_poly_seq_scheme.pdb_seq_num 
_pdbx_poly_seq_scheme.auth_seq_num 
_pdbx_poly_seq_scheme.pdb_mon_id 
_pdbx_poly_seq_scheme.auth_mon_id 
_pdbx_poly_seq_scheme.pdb_strand_id 
_pdbx_poly_seq_scheme.pdb_ins_code 
_pdbx_poly_seq_scheme.hetero 
A 1 1 U 1 1 1 U U A . n 
A 1 2 C 2 2 2 C C A . n 
A 1 3 G 3 3 3 G G A . n 
A 1 4 U 4 4 4 U U A . n 
A 1 5 A 5 5 5 A A A . n 
A 1 6 C 6 6 6 C C A . n 
A 1 7 G 7 7 7 G G A . n 
A 1 8 A 8 8 8 A A A . n 
B 1 1 U 1 1 1 U U B . n 
B 1 2 C 2 2 2 C C B . n 
B 1 3 G 3 3 3 G G B . n 
B 1 4 U 4 4 4 U U B . n 
B 1 5 A 5 5 5 A A B . n 
B 1 6 C 6 6 6 C C B . n 
B 1 7 G 7 7 7 G G B . n 
B 1 8 A 8 8 8 A A B . n 
# 
loop_
_pdbx_nonpoly_scheme.asym_id 
_pdbx_nonpoly_scheme.entity_id 
_pdbx_nonpoly_scheme.mon_id 
_pdbx_nonpoly_scheme.ndb_seq_num 
_pdbx_nonpoly_scheme.pdb_seq_num 
_pdbx_nonpoly_scheme.auth_seq_num 
_pdbx_nonpoly_scheme.pdb_mon_id 
_pdbx_nonpoly_scheme.auth_mon_id 
_pdbx_nonpoly_scheme.pdb_strand_id 
_pdbx_nonpoly_scheme.pdb_ins_code 
C 2 CA  1  101 1  CA  CA  A . 
D 2 CA  1  102 1  CA  CA  A . 
E 2 CA  1  101 1  CA  CA  B . 
F 3 HOH 1  201 20 HOH HOH A . 
F 3 HOH 2  202 8  HOH HOH A . 
F 3 HOH 3  203 11 HOH HOH A . 
F 3 HOH 4  204 24 HOH HOH A . 
F 3 HOH 5  205 51 HOH HOH A . 
F 3 HOH 6  206 50 HOH HOH A . 
F 3 HOH 7  207 5  HOH HOH A . 
F 3 HOH 8  208 4  HOH HOH A . 
F 3 HOH 9  209 27 HOH HOH A . 
F 3 HOH 10 210 29 HOH HOH A . 
F 3 HOH 11 211 52 HOH HOH A . 
F 3 HOH 12 212 2  HOH HOH A . 
F 3 HOH 13 213 10 HOH HOH A . 
F 3 HOH 14 214 14 HOH HOH A . 
F 3 HOH 15 215 17 HOH HOH A . 
F 3 HOH 16 216 21 HOH HOH A . 
F 3 HOH 17 217 23 HOH HOH A . 
F 3 HOH 18 218 25 HOH HOH A . 
F 3 HOH 19 219 26 HOH HOH A . 
F 3 HOH 20 220 33 HOH HOH A . 
F 3 HOH 21 221 34 HOH HOH A . 
F 3 HOH 22 222 36 HOH HOH A . 
F 3 HOH 23 223 55 HOH HOH A . 
F 3 HOH 24 224 56 HOH HOH A . 
G 3 HOH 1  201 35 HOH HOH B . 
G 3 HOH 2  202 37 HOH HOH B . 
G 3 HOH 3  203 31 HOH HOH B . 
G 3 HOH 4  204 57 HOH HOH B . 
G 3 HOH 5  205 9  HOH HOH B . 
G 3 HOH 6  206 45 HOH HOH B . 
G 3 HOH 7  207 54 HOH HOH B . 
G 3 HOH 8  208 13 HOH HOH B . 
G 3 HOH 9  209 42 HOH HOH B . 
G 3 HOH 10 210 28 HOH HOH B . 
G 3 HOH 11 211 30 HOH HOH B . 
G 3 HOH 12 212 32 HOH HOH B . 
G 3 HOH 13 213 58 HOH HOH B . 
G 3 HOH 14 214 43 HOH HOH B . 
G 3 HOH 15 215 44 HOH HOH B . 
G 3 HOH 16 216 3  HOH HOH B . 
G 3 HOH 17 217 7  HOH HOH B . 
G 3 HOH 18 218 12 HOH HOH B . 
G 3 HOH 19 219 15 HOH HOH B . 
G 3 HOH 20 220 16 HOH HOH B . 
G 3 HOH 21 221 19 HOH HOH B . 
G 3 HOH 22 222 22 HOH HOH B . 
G 3 HOH 23 223 38 HOH HOH B . 
G 3 HOH 24 224 39 HOH HOH B . 
G 3 HOH 25 225 40 HOH HOH B . 
G 3 HOH 26 226 48 HOH HOH B . 
G 3 HOH 27 227 49 HOH HOH B . 
G 3 HOH 28 228 53 HOH HOH B . 
G 3 HOH 29 229 60 HOH HOH B . 
# 
loop_
_software.citation_id 
_software.classification 
_software.compiler_name 
_software.compiler_version 
_software.contact_author 
_software.contact_author_email 
_software.date 
_software.description 
_software.dependencies 
_software.hardware 
_software.language 
_software.location 
_software.mods 
_software.name 
_software.os 
_software.os_version 
_software.type 
_software.version 
_software.pdbx_ordinal 
? refinement       ? ? ? ? ? ? ? ? ? ? ? PHENIX ? ? ? '(phenix.refine: 1.8.2_1309)' 1 
? 'data reduction' ? ? ? ? ? ? ? ? ? ? ? XDS    ? ? ? .                             2 
? 'data scaling'   ? ? ? ? ? ? ? ? ? ? ? XSCALE ? ? ? .                             3 
? phasing          ? ? ? ? ? ? ? ? ? ? ? PHASER ? ? ? .                             4 
# 
_cell.entry_id           4U3L 
_cell.length_a           47.671 
_cell.length_b           47.671 
_cell.length_c           51.885 
_cell.angle_alpha        90.00 
_cell.angle_beta         90.00 
_cell.angle_gamma        120.00 
_cell.Z_PDB              18 
_cell.pdbx_unique_axis   ? 
# 
_symmetry.entry_id                         4U3L 
_symmetry.space_group_name_H-M             'H 3' 
_symmetry.pdbx_full_space_group_name_H-M   ? 
_symmetry.cell_setting                     ? 
_symmetry.Int_Tables_number                146 
# 
_exptl.absorpt_coefficient_mu     ? 
_exptl.absorpt_correction_T_max   ? 
_exptl.absorpt_correction_T_min   ? 
_exptl.absorpt_correction_type    ? 
_exptl.absorpt_process_details    ? 
_exptl.entry_id                   4U3L 
_exptl.crystals_number            ? 
_exptl.details                    ? 
_exptl.method                     'X-RAY DIFFRACTION' 
_exptl.method_details             ? 
# 
_exptl_crystal.colour                      ? 
_exptl_crystal.density_diffrn              ? 
_exptl_crystal.density_Matthews            2.25 
_exptl_crystal.density_method              ? 
_exptl_crystal.density_percent_sol         45.22 
_exptl_crystal.description                 ? 
_exptl_crystal.F_000                       ? 
_exptl_crystal.id                          1 
_exptl_crystal.preparation                 ? 
_exptl_crystal.size_max                    ? 
_exptl_crystal.size_mid                    ? 
_exptl_crystal.size_min                    ? 
_exptl_crystal.size_rad                    ? 
_exptl_crystal.colour_lustre               ? 
_exptl_crystal.colour_modifier             ? 
_exptl_crystal.colour_primary              ? 
_exptl_crystal.density_meas                ? 
_exptl_crystal.density_meas_esd            ? 
_exptl_crystal.density_meas_gt             ? 
_exptl_crystal.density_meas_lt             ? 
_exptl_crystal.density_meas_temp           ? 
_exptl_crystal.density_meas_temp_esd       ? 
_exptl_crystal.density_meas_temp_gt        ? 
_exptl_crystal.density_meas_temp_lt        ? 
_exptl_crystal.pdbx_crystal_image_url      ? 
_exptl_crystal.pdbx_crystal_image_format   ? 
_exptl_crystal.pdbx_mosaicity              ? 
_exptl_crystal.pdbx_mosaicity_esd          ? 
# 
_exptl_crystal_grow.apparatus       ? 
_exptl_crystal_grow.atmosphere      ? 
_exptl_crystal_grow.crystal_id      1 
_exptl_crystal_grow.details         ? 
_exptl_crystal_grow.method          'VAPOR DIFFUSION, SITTING DROP' 
_exptl_crystal_grow.method_ref      ? 
_exptl_crystal_grow.pH              7.5 
_exptl_crystal_grow.pressure        ? 
_exptl_crystal_grow.pressure_esd    ? 
_exptl_crystal_grow.seeding         ? 
_exptl_crystal_grow.seeding_ref     ? 
_exptl_crystal_grow.temp            293.15 
_exptl_crystal_grow.temp_details    ? 
_exptl_crystal_grow.temp_esd        ? 
_exptl_crystal_grow.time            ? 
_exptl_crystal_grow.pdbx_details    '28% PEG 400, 0.2 M calcium chloride, 0.002 M spermine, 0.05 hepes sodium buffer pH 7.5' 
_exptl_crystal_grow.pdbx_pH_range   ? 
# 
_diffrn.ambient_environment    ? 
_diffrn.ambient_temp           100 
_diffrn.ambient_temp_details   ? 
_diffrn.ambient_temp_esd       ? 
_diffrn.crystal_id             1 
_diffrn.crystal_support        ? 
_diffrn.crystal_treatment      ? 
_diffrn.details                ? 
_diffrn.id                     1 
_diffrn.ambient_pressure       ? 
_diffrn.ambient_pressure_esd   ? 
_diffrn.ambient_pressure_gt    ? 
_diffrn.ambient_pressure_lt    ? 
_diffrn.ambient_temp_gt        ? 
_diffrn.ambient_temp_lt        ? 
# 
_diffrn_detector.details                      ? 
_diffrn_detector.detector                     PIXEL 
_diffrn_detector.diffrn_id                    1 
_diffrn_detector.type                         'DECTRIS PILATUS 2M' 
_diffrn_detector.area_resol_mean              ? 
_diffrn_detector.dtime                        ? 
_diffrn_detector.pdbx_frames_total            ? 
_diffrn_detector.pdbx_collection_time_total   ? 
_diffrn_detector.pdbx_collection_date         2012-06-27 
# 
_diffrn_radiation.collimation                      ? 
_diffrn_radiation.diffrn_id                        1 
_diffrn_radiation.filter_edge                      ? 
_diffrn_radiation.inhomogeneity                    ? 
_diffrn_radiation.monochromator                    ? 
_diffrn_radiation.polarisn_norm                    ? 
_diffrn_radiation.polarisn_ratio                   ? 
_diffrn_radiation.probe                            ? 
_diffrn_radiation.type                             ? 
_diffrn_radiation.xray_symbol                      ? 
_diffrn_radiation.wavelength_id                    1 
_diffrn_radiation.pdbx_monochromatic_or_laue_m_l   M 
_diffrn_radiation.pdbx_wavelength_list             ? 
_diffrn_radiation.pdbx_wavelength                  ? 
_diffrn_radiation.pdbx_diffrn_protocol             'SINGLE WAVELENGTH' 
_diffrn_radiation.pdbx_analyzer                    ? 
_diffrn_radiation.pdbx_scattering_type             x-ray 
# 
_diffrn_radiation_wavelength.id           1 
_diffrn_radiation_wavelength.wavelength   1.61 
_diffrn_radiation_wavelength.wt           1.0 
# 
_diffrn_source.current                     ? 
_diffrn_source.details                     ? 
_diffrn_source.diffrn_id                   1 
_diffrn_source.power                       ? 
_diffrn_source.size                        ? 
_diffrn_source.source                      SYNCHROTRON 
_diffrn_source.target                      ? 
_diffrn_source.type                        'SLS BEAMLINE X06SA' 
_diffrn_source.voltage                     ? 
_diffrn_source.take-off_angle              ? 
_diffrn_source.pdbx_wavelength_list        1.61 
_diffrn_source.pdbx_wavelength             ? 
_diffrn_source.pdbx_synchrotron_beamline   X06SA 
_diffrn_source.pdbx_synchrotron_site       SLS 
# 
_reflns.B_iso_Wilson_estimate            ? 
_reflns.entry_id                         4U3L 
_reflns.data_reduction_details           ? 
_reflns.data_reduction_method            ? 
_reflns.d_resolution_high                1.482 
_reflns.d_resolution_low                 32.3 
_reflns.details                          ? 
_reflns.limit_h_max                      ? 
_reflns.limit_h_min                      ? 
_reflns.limit_k_max                      ? 
_reflns.limit_k_min                      ? 
_reflns.limit_l_max                      ? 
_reflns.limit_l_min                      ? 
_reflns.number_all                       ? 
_reflns.number_obs                       14194 
_reflns.observed_criterion               ? 
_reflns.observed_criterion_F_max         ? 
_reflns.observed_criterion_F_min         ? 
_reflns.observed_criterion_I_max         ? 
_reflns.observed_criterion_I_min         ? 
_reflns.observed_criterion_sigma_F       ? 
_reflns.observed_criterion_sigma_I       ? 
_reflns.percent_possible_obs             99.84 
_reflns.R_free_details                   ? 
_reflns.Rmerge_F_all                     ? 
_reflns.Rmerge_F_obs                     ? 
_reflns.Friedel_coverage                 ? 
_reflns.number_gt                        ? 
_reflns.threshold_expression             ? 
_reflns.pdbx_redundancy                  5.3 
_reflns.pdbx_Rmerge_I_obs                0.036 
_reflns.pdbx_Rmerge_I_all                ? 
_reflns.pdbx_Rsym_value                  ? 
_reflns.pdbx_netI_over_av_sigmaI         ? 
_reflns.pdbx_netI_over_sigmaI            25.82 
_reflns.pdbx_res_netI_over_av_sigmaI_2   ? 
_reflns.pdbx_res_netI_over_sigmaI_2      ? 
_reflns.pdbx_chi_squared                 ? 
_reflns.pdbx_scaling_rejects             ? 
_reflns.pdbx_d_res_high_opt              ? 
_reflns.pdbx_d_res_low_opt               ? 
_reflns.pdbx_d_res_opt_method            ? 
_reflns.phase_calculation_details        ? 
_reflns.pdbx_Rrim_I_all                  ? 
_reflns.pdbx_Rpim_I_all                  ? 
_reflns.pdbx_d_opt                       ? 
_reflns.pdbx_number_measured_all         ? 
_reflns.pdbx_diffrn_id                   1 
_reflns.pdbx_ordinal                     1 
_reflns.pdbx_CC_half                     ? 
_reflns.pdbx_R_split                     ? 
# 
_reflns_shell.d_res_high                  1.482 
_reflns_shell.d_res_low                   1.535 
_reflns_shell.meanI_over_sigI_all         ? 
_reflns_shell.meanI_over_sigI_obs         3.47 
_reflns_shell.number_measured_all         ? 
_reflns_shell.number_measured_obs         ? 
_reflns_shell.number_possible             ? 
_reflns_shell.number_unique_all           ? 
_reflns_shell.number_unique_obs           ? 
_reflns_shell.percent_possible_all        99.45 
_reflns_shell.percent_possible_obs        ? 
_reflns_shell.Rmerge_F_all                ? 
_reflns_shell.Rmerge_F_obs                ? 
_reflns_shell.Rmerge_I_all                ? 
_reflns_shell.Rmerge_I_obs                0.41 
_reflns_shell.meanI_over_sigI_gt          ? 
_reflns_shell.meanI_over_uI_all           ? 
_reflns_shell.meanI_over_uI_gt            ? 
_reflns_shell.number_measured_gt          ? 
_reflns_shell.number_unique_gt            ? 
_reflns_shell.percent_possible_gt         ? 
_reflns_shell.Rmerge_F_gt                 ? 
_reflns_shell.Rmerge_I_gt                 ? 
_reflns_shell.pdbx_redundancy             4.9 
_reflns_shell.pdbx_Rsym_value             ? 
_reflns_shell.pdbx_chi_squared            ? 
_reflns_shell.pdbx_netI_over_sigmaI_all   ? 
_reflns_shell.pdbx_netI_over_sigmaI_obs   ? 
_reflns_shell.pdbx_Rrim_I_all             ? 
_reflns_shell.pdbx_Rpim_I_all             ? 
_reflns_shell.pdbx_rejects                ? 
_reflns_shell.pdbx_ordinal                1 
_reflns_shell.pdbx_diffrn_id              1 
_reflns_shell.pdbx_CC_half                ? 
_reflns_shell.pdbx_R_split                ? 
# 
_refine.pdbx_refine_id                           'X-RAY DIFFRACTION' 
_refine.entry_id                                 4U3L 
_refine.pdbx_diffrn_id                           1 
_refine.pdbx_TLS_residual_ADP_flag               ? 
_refine.ls_number_reflns_obs                     14193 
_refine.ls_number_reflns_all                     ? 
_refine.pdbx_ls_sigma_I                          ? 
_refine.pdbx_ls_sigma_F                          1.32 
_refine.pdbx_data_cutoff_high_absF               ? 
_refine.pdbx_data_cutoff_low_absF                ? 
_refine.pdbx_data_cutoff_high_rms_absF           ? 
_refine.ls_d_res_low                             32.305 
_refine.ls_d_res_high                            1.482 
_refine.ls_percent_reflns_obs                    97.09 
_refine.ls_R_factor_obs                          0.1708 
_refine.ls_R_factor_all                          ? 
_refine.ls_R_factor_R_work                       0.1698 
_refine.ls_R_factor_R_free                       0.1884 
_refine.ls_R_factor_R_free_error                 ? 
_refine.ls_R_factor_R_free_error_details         ? 
_refine.ls_percent_reflns_R_free                 4.99 
_refine.ls_number_reflns_R_free                  708 
_refine.ls_number_parameters                     ? 
_refine.ls_number_restraints                     ? 
_refine.occupancy_min                            ? 
_refine.occupancy_max                            ? 
_refine.correlation_coeff_Fo_to_Fc               ? 
_refine.correlation_coeff_Fo_to_Fc_free          ? 
_refine.B_iso_mean                               ? 
_refine.aniso_B[1][1]                            ? 
_refine.aniso_B[2][2]                            ? 
_refine.aniso_B[3][3]                            ? 
_refine.aniso_B[1][2]                            ? 
_refine.aniso_B[1][3]                            ? 
_refine.aniso_B[2][3]                            ? 
_refine.solvent_model_details                    'FLAT BULK SOLVENT MODEL' 
_refine.solvent_model_param_ksol                 ? 
_refine.solvent_model_param_bsol                 ? 
_refine.pdbx_solvent_vdw_probe_radii             1.11 
_refine.pdbx_solvent_ion_probe_radii             ? 
_refine.pdbx_solvent_shrinkage_radii             0.90 
_refine.pdbx_ls_cross_valid_method               'FREE R-VALUE' 
_refine.details                                  ? 
_refine.pdbx_starting_model                      ? 
_refine.pdbx_method_to_determine_struct          SAD 
_refine.pdbx_isotropic_thermal_model             ? 
_refine.pdbx_stereochemistry_target_values       ML 
_refine.pdbx_stereochem_target_val_spec_case     ? 
_refine.pdbx_R_Free_selection_details            ? 
_refine.pdbx_overall_ESU_R                       ? 
_refine.pdbx_overall_ESU_R_Free                  ? 
_refine.overall_SU_ML                            0.14 
_refine.pdbx_overall_phase_error                 23.18 
_refine.overall_SU_B                             ? 
_refine.overall_SU_R_Cruickshank_DPI             ? 
_refine.pdbx_overall_SU_R_free_Cruickshank_DPI   ? 
_refine.pdbx_overall_SU_R_Blow_DPI               ? 
_refine.pdbx_overall_SU_R_free_Blow_DPI          ? 
# 
_refine_hist.pdbx_refine_id                   'X-RAY DIFFRACTION' 
_refine_hist.cycle_id                         LAST 
_refine_hist.pdbx_number_atoms_protein        0 
_refine_hist.pdbx_number_atoms_nucleic_acid   334 
_refine_hist.pdbx_number_atoms_ligand         3 
_refine_hist.number_atoms_solvent             53 
_refine_hist.number_atoms_total               390 
_refine_hist.d_res_high                       1.482 
_refine_hist.d_res_low                        32.305 
# 
loop_
_refine_ls_restr.type 
_refine_ls_restr.dev_ideal 
_refine_ls_restr.dev_ideal_target 
_refine_ls_restr.weight 
_refine_ls_restr.number 
_refine_ls_restr.pdbx_refine_id 
_refine_ls_restr.pdbx_restraint_function 
f_bond_d           0.005 ? ? 372 'X-RAY DIFFRACTION' ? 
f_angle_d          0.956 ? ? 576 'X-RAY DIFFRACTION' ? 
f_dihedral_angle_d 8.562 ? ? 184 'X-RAY DIFFRACTION' ? 
f_chiral_restr     0.040 ? ? 78  'X-RAY DIFFRACTION' ? 
f_plane_restr      0.010 ? ? 16  'X-RAY DIFFRACTION' ? 
# 
loop_
_refine_ls_shell.pdbx_refine_id 
_refine_ls_shell.pdbx_total_number_of_bins_used 
_refine_ls_shell.d_res_high 
_refine_ls_shell.d_res_low 
_refine_ls_shell.number_reflns_R_work 
_refine_ls_shell.R_factor_R_work 
_refine_ls_shell.percent_reflns_obs 
_refine_ls_shell.R_factor_R_free 
_refine_ls_shell.R_factor_R_free_error 
_refine_ls_shell.percent_reflns_R_free 
_refine_ls_shell.number_reflns_R_free 
_refine_ls_shell.number_reflns_all 
_refine_ls_shell.R_factor_all 
_refine_ls_shell.R_factor_obs 
_refine_ls_shell.number_reflns_obs 
'X-RAY DIFFRACTION' . 1.4816 1.5960  2636 0.2322 96.00 0.2771 . . 139 . . . . 
'X-RAY DIFFRACTION' . 1.5960 1.7566  2709 0.1803 98.00 0.2288 . . 142 . . . . 
'X-RAY DIFFRACTION' . 1.7566 2.0107  2762 0.1839 98.00 0.1714 . . 146 . . . . 
'X-RAY DIFFRACTION' . 2.0107 2.5332  2679 0.1935 98.00 0.2063 . . 143 . . . . 
'X-RAY DIFFRACTION' . 2.5332 32.3131 2699 0.1498 97.00 0.1707 . . 138 . . . . 
# 
_struct.entry_id                     4U3L 
_struct.title                        'octameric RNA duplex co-crystallized in calcium(II)chloride' 
_struct.pdbx_model_details           ? 
_struct.pdbx_formula_weight          ? 
_struct.pdbx_formula_weight_method   ? 
_struct.pdbx_model_type_details      ? 
_struct.pdbx_CASP_flag               ? 
# 
_struct_keywords.entry_id        4U3L 
_struct_keywords.text            'RNA, duplex, di- and trivalent metal ions' 
_struct_keywords.pdbx_keywords   RNA 
# 
loop_
_struct_asym.id 
_struct_asym.pdbx_blank_PDB_chainid_flag 
_struct_asym.pdbx_modified 
_struct_asym.entity_id 
_struct_asym.details 
A N N 1 ? 
B N N 1 ? 
C N N 2 ? 
D N N 2 ? 
E N N 2 ? 
F N N 3 ? 
G N N 3 ? 
# 
_struct_ref.id                         1 
_struct_ref.db_name                    PDB 
_struct_ref.db_code                    4U3L 
_struct_ref.pdbx_db_accession          4U3L 
_struct_ref.entity_id                  1 
_struct_ref.pdbx_seq_one_letter_code   ? 
_struct_ref.pdbx_align_begin           1 
_struct_ref.pdbx_db_isoform            ? 
# 
loop_
_struct_ref_seq.align_id 
_struct_ref_seq.ref_id 
_struct_ref_seq.pdbx_PDB_id_code 
_struct_ref_seq.pdbx_strand_id 
_struct_ref_seq.seq_align_beg 
_struct_ref_seq.pdbx_seq_align_beg_ins_code 
_struct_ref_seq.seq_align_end 
_struct_ref_seq.pdbx_seq_align_end_ins_code 
_struct_ref_seq.pdbx_db_accession 
_struct_ref_seq.db_align_beg 
_struct_ref_seq.pdbx_db_align_beg_ins_code 
_struct_ref_seq.db_align_end 
_struct_ref_seq.pdbx_db_align_end_ins_code 
_struct_ref_seq.pdbx_auth_seq_align_beg 
_struct_ref_seq.pdbx_auth_seq_align_end 
1 1 4U3L A 1 ? 8 ? 4U3L 1 ? 8 ? 1 8 
2 1 4U3L B 1 ? 8 ? 4U3L 1 ? 8 ? 1 8 
# 
_pdbx_struct_assembly.id                   1 
_pdbx_struct_assembly.details              author_and_software_defined_assembly 
_pdbx_struct_assembly.method_details       PISA 
_pdbx_struct_assembly.oligomeric_details   Dimeric 
_pdbx_struct_assembly.oligomeric_count     2 
# 
loop_
_pdbx_struct_assembly_prop.biol_id 
_pdbx_struct_assembly_prop.type 
_pdbx_struct_assembly_prop.value 
_pdbx_struct_assembly_prop.details 
1 'ABSA (A^2)' 1150 ? 
1 MORE         -27  ? 
1 'SSA (A^2)'  2990 ? 
# 
_pdbx_struct_assembly_gen.assembly_id       1 
_pdbx_struct_assembly_gen.oper_expression   1 
_pdbx_struct_assembly_gen.asym_id_list      A,B,C,D,E,F,G 
# 
_pdbx_struct_oper_list.id                   1 
_pdbx_struct_oper_list.type                 'identity operation' 
_pdbx_struct_oper_list.name                 1_555 
_pdbx_struct_oper_list.symmetry_operation   x,y,z 
_pdbx_struct_oper_list.matrix[1][1]         1.0000000000 
_pdbx_struct_oper_list.matrix[1][2]         0.0000000000 
_pdbx_struct_oper_list.matrix[1][3]         0.0000000000 
_pdbx_struct_oper_list.vector[1]            0.0000000000 
_pdbx_struct_oper_list.matrix[2][1]         0.0000000000 
_pdbx_struct_oper_list.matrix[2][2]         1.0000000000 
_pdbx_struct_oper_list.matrix[2][3]         0.0000000000 
_pdbx_struct_oper_list.vector[2]            0.0000000000 
_pdbx_struct_oper_list.matrix[3][1]         0.0000000000 
_pdbx_struct_oper_list.matrix[3][2]         0.0000000000 
_pdbx_struct_oper_list.matrix[3][3]         1.0000000000 
_pdbx_struct_oper_list.vector[3]            0.0000000000 
# 
loop_
_struct_conn.id 
_struct_conn.conn_type_id 
_struct_conn.pdbx_leaving_atom_flag 
_struct_conn.pdbx_PDB_id 
_struct_conn.ptnr1_label_asym_id 
_struct_conn.ptnr1_label_comp_id 
_struct_conn.ptnr1_label_seq_id 
_struct_conn.ptnr1_label_atom_id 
_struct_conn.pdbx_ptnr1_label_alt_id 
_struct_conn.pdbx_ptnr1_PDB_ins_code 
_struct_conn.pdbx_ptnr1_standard_comp_id 
_struct_conn.ptnr1_symmetry 
_struct_conn.ptnr2_label_asym_id 
_struct_conn.ptnr2_label_comp_id 
_struct_conn.ptnr2_label_seq_id 
_struct_conn.ptnr2_label_atom_id 
_struct_conn.pdbx_ptnr2_label_alt_id 
_struct_conn.pdbx_ptnr2_PDB_ins_code 
_struct_conn.ptnr1_auth_asym_id 
_struct_conn.ptnr1_auth_comp_id 
_struct_conn.ptnr1_auth_seq_id 
_struct_conn.ptnr2_auth_asym_id 
_struct_conn.ptnr2_auth_comp_id 
_struct_conn.ptnr2_auth_seq_id 
_struct_conn.ptnr2_symmetry 
_struct_conn.pdbx_ptnr3_label_atom_id 
_struct_conn.pdbx_ptnr3_label_seq_id 
_struct_conn.pdbx_ptnr3_label_comp_id 
_struct_conn.pdbx_ptnr3_label_asym_id 
_struct_conn.pdbx_ptnr3_label_alt_id 
_struct_conn.pdbx_ptnr3_PDB_ins_code 
_struct_conn.details 
_struct_conn.pdbx_dist_value 
_struct_conn.pdbx_value_order 
_struct_conn.pdbx_role 
metalc1  metalc ? ? A U  4 O4    ? ? ? 1_555 C CA  . CA ? ? A U  4   A CA  101 1_555 ? ? ? ? ? ? ?            2.387 ? ? 
metalc2  metalc ? ? A G  7 OP1   ? ? ? 1_555 D CA  . CA ? ? A G  7   A CA  102 1_555 ? ? ? ? ? ? ?            2.338 ? ? 
metalc3  metalc ? ? A G  7 OP1   ? ? ? 1_555 D CA  . CA ? ? A G  7   A CA  102 3_555 ? ? ? ? ? ? ?            2.340 ? ? 
metalc4  metalc ? ? C CA . CA    ? ? ? 1_555 F HOH . O  ? ? A CA 101 A HOH 212 1_555 ? ? ? ? ? ? ?            2.431 ? ? 
metalc5  metalc ? ? C CA . CA    ? ? ? 1_555 F HOH . O  ? ? A CA 101 A HOH 214 1_555 ? ? ? ? ? ? ?            2.404 ? ? 
metalc6  metalc ? ? C CA . CA    ? ? ? 1_555 F HOH . O  ? ? A CA 101 A HOH 215 1_555 ? ? ? ? ? ? ?            2.399 ? ? 
metalc7  metalc ? ? C CA . CA    ? ? ? 1_555 G HOH . O  ? ? A CA 101 B HOH 216 1_555 ? ? ? ? ? ? ?            2.457 ? ? 
metalc8  metalc ? ? C CA . CA    ? ? ? 1_555 G HOH . O  ? ? A CA 101 B HOH 219 1_555 ? ? ? ? ? ? ?            2.366 ? ? 
metalc9  metalc ? ? C CA . CA    ? ? ? 1_555 G HOH . O  ? ? A CA 101 B HOH 220 1_555 ? ? ? ? ? ? ?            2.348 ? ? 
metalc10 metalc ? ? D CA . CA    ? ? ? 1_555 F HOH . O  ? ? A CA 102 A HOH 208 1_555 ? ? ? ? ? ? ?            2.512 ? ? 
metalc11 metalc ? ? D CA . CA    ? ? ? 1_555 F HOH . O  ? ? A CA 102 A HOH 208 3_555 ? ? ? ? ? ? ?            2.513 ? ? 
metalc12 metalc ? ? B A  5 "O2'" ? ? ? 1_555 E CA  . CA ? ? B A  5   B CA  101 1_555 ? ? ? ? ? ? ?            2.863 ? ? 
metalc13 metalc ? ? B A  5 "O2'" ? ? ? 1_555 E CA  . CA ? ? B A  5   B CA  101 3_555 ? ? ? ? ? ? ?            2.859 ? ? 
metalc14 metalc ? ? E CA . CA    ? ? ? 1_555 G HOH . O  ? ? B CA 101 B HOH 208 1_555 ? ? ? ? ? ? ?            3.157 ? ? 
metalc15 metalc ? ? E CA . CA    ? ? ? 1_555 G HOH . O  ? ? B CA 101 B HOH 208 2_555 ? ? ? ? ? ? ?            3.157 ? ? 
hydrog1  hydrog ? ? A U  1 N3    ? ? ? 1_555 B A   8 N1 ? ? A U  1   B A   8   1_555 ? ? ? ? ? ? WATSON-CRICK ?     ? ? 
hydrog2  hydrog ? ? A U  1 O4    ? ? ? 1_555 B A   8 N6 ? ? A U  1   B A   8   1_555 ? ? ? ? ? ? WATSON-CRICK ?     ? ? 
hydrog3  hydrog ? ? A C  2 N3    ? ? ? 1_555 B G   7 N1 ? ? A C  2   B G   7   1_555 ? ? ? ? ? ? WATSON-CRICK ?     ? ? 
hydrog4  hydrog ? ? A C  2 N4    ? ? ? 1_555 B G   7 O6 ? ? A C  2   B G   7   1_555 ? ? ? ? ? ? WATSON-CRICK ?     ? ? 
hydrog5  hydrog ? ? A C  2 O2    ? ? ? 1_555 B G   7 N2 ? ? A C  2   B G   7   1_555 ? ? ? ? ? ? WATSON-CRICK ?     ? ? 
hydrog6  hydrog ? ? A G  3 N1    ? ? ? 1_555 B C   6 N3 ? ? A G  3   B C   6   1_555 ? ? ? ? ? ? WATSON-CRICK ?     ? ? 
hydrog7  hydrog ? ? A G  3 N2    ? ? ? 1_555 B C   6 O2 ? ? A G  3   B C   6   1_555 ? ? ? ? ? ? WATSON-CRICK ?     ? ? 
hydrog8  hydrog ? ? A G  3 O6    ? ? ? 1_555 B C   6 N4 ? ? A G  3   B C   6   1_555 ? ? ? ? ? ? WATSON-CRICK ?     ? ? 
hydrog9  hydrog ? ? A U  4 N3    ? ? ? 1_555 B A   5 N1 ? ? A U  4   B A   5   1_555 ? ? ? ? ? ? WATSON-CRICK ?     ? ? 
hydrog10 hydrog ? ? A U  4 O4    ? ? ? 1_555 B A   5 N6 ? ? A U  4   B A   5   1_555 ? ? ? ? ? ? WATSON-CRICK ?     ? ? 
hydrog11 hydrog ? ? A A  5 N1    ? ? ? 1_555 B U   4 N3 ? ? A A  5   B U   4   1_555 ? ? ? ? ? ? WATSON-CRICK ?     ? ? 
hydrog12 hydrog ? ? A A  5 N6    ? ? ? 1_555 B U   4 O4 ? ? A A  5   B U   4   1_555 ? ? ? ? ? ? WATSON-CRICK ?     ? ? 
hydrog13 hydrog ? ? A C  6 N3    ? ? ? 1_555 B G   3 N1 ? ? A C  6   B G   3   1_555 ? ? ? ? ? ? WATSON-CRICK ?     ? ? 
hydrog14 hydrog ? ? A C  6 N4    ? ? ? 1_555 B G   3 O6 ? ? A C  6   B G   3   1_555 ? ? ? ? ? ? WATSON-CRICK ?     ? ? 
hydrog15 hydrog ? ? A C  6 O2    ? ? ? 1_555 B G   3 N2 ? ? A C  6   B G   3   1_555 ? ? ? ? ? ? WATSON-CRICK ?     ? ? 
hydrog16 hydrog ? ? A G  7 N1    ? ? ? 1_555 B C   2 N3 ? ? A G  7   B C   2   1_555 ? ? ? ? ? ? WATSON-CRICK ?     ? ? 
hydrog17 hydrog ? ? A G  7 N2    ? ? ? 1_555 B C   2 O2 ? ? A G  7   B C   2   1_555 ? ? ? ? ? ? WATSON-CRICK ?     ? ? 
hydrog18 hydrog ? ? A G  7 O6    ? ? ? 1_555 B C   2 N4 ? ? A G  7   B C   2   1_555 ? ? ? ? ? ? WATSON-CRICK ?     ? ? 
hydrog19 hydrog ? ? A A  8 N1    ? ? ? 1_555 B U   1 N3 ? ? A A  8   B U   1   1_555 ? ? ? ? ? ? WATSON-CRICK ?     ? ? 
hydrog20 hydrog ? ? A A  8 N6    ? ? ? 1_555 B U   1 O4 ? ? A A  8   B U   1   1_555 ? ? ? ? ? ? WATSON-CRICK ?     ? ? 
# 
loop_
_struct_conn_type.id 
_struct_conn_type.criteria 
_struct_conn_type.reference 
metalc ? ? 
hydrog ? ? 
# 
loop_
_pdbx_struct_conn_angle.id 
_pdbx_struct_conn_angle.ptnr1_label_atom_id 
_pdbx_struct_conn_angle.ptnr1_label_alt_id 
_pdbx_struct_conn_angle.ptnr1_label_asym_id 
_pdbx_struct_conn_angle.ptnr1_label_comp_id 
_pdbx_struct_conn_angle.ptnr1_label_seq_id 
_pdbx_struct_conn_angle.ptnr1_auth_atom_id 
_pdbx_struct_conn_angle.ptnr1_auth_asym_id 
_pdbx_struct_conn_angle.ptnr1_auth_comp_id 
_pdbx_struct_conn_angle.ptnr1_auth_seq_id 
_pdbx_struct_conn_angle.ptnr1_PDB_ins_code 
_pdbx_struct_conn_angle.ptnr1_symmetry 
_pdbx_struct_conn_angle.ptnr2_label_atom_id 
_pdbx_struct_conn_angle.ptnr2_label_alt_id 
_pdbx_struct_conn_angle.ptnr2_label_asym_id 
_pdbx_struct_conn_angle.ptnr2_label_comp_id 
_pdbx_struct_conn_angle.ptnr2_label_seq_id 
_pdbx_struct_conn_angle.ptnr2_auth_atom_id 
_pdbx_struct_conn_angle.ptnr2_auth_asym_id 
_pdbx_struct_conn_angle.ptnr2_auth_comp_id 
_pdbx_struct_conn_angle.ptnr2_auth_seq_id 
_pdbx_struct_conn_angle.ptnr2_PDB_ins_code 
_pdbx_struct_conn_angle.ptnr2_symmetry 
_pdbx_struct_conn_angle.ptnr3_label_atom_id 
_pdbx_struct_conn_angle.ptnr3_label_alt_id 
_pdbx_struct_conn_angle.ptnr3_label_asym_id 
_pdbx_struct_conn_angle.ptnr3_label_comp_id 
_pdbx_struct_conn_angle.ptnr3_label_seq_id 
_pdbx_struct_conn_angle.ptnr3_auth_atom_id 
_pdbx_struct_conn_angle.ptnr3_auth_asym_id 
_pdbx_struct_conn_angle.ptnr3_auth_comp_id 
_pdbx_struct_conn_angle.ptnr3_auth_seq_id 
_pdbx_struct_conn_angle.ptnr3_PDB_ins_code 
_pdbx_struct_conn_angle.ptnr3_symmetry 
_pdbx_struct_conn_angle.value 
_pdbx_struct_conn_angle.value_esd 
1  O4    ? A U   4 ? A U   4   ? 1_555 CA ? C CA . ? A CA 101 ? 1_555 O     ? F HOH . ? A HOH 212 ? 1_555 87.5  ? 
2  O4    ? A U   4 ? A U   4   ? 1_555 CA ? C CA . ? A CA 101 ? 1_555 O     ? F HOH . ? A HOH 214 ? 1_555 71.8  ? 
3  O     ? F HOH . ? A HOH 212 ? 1_555 CA ? C CA . ? A CA 101 ? 1_555 O     ? F HOH . ? A HOH 214 ? 1_555 78.7  ? 
4  O4    ? A U   4 ? A U   4   ? 1_555 CA ? C CA . ? A CA 101 ? 1_555 O     ? F HOH . ? A HOH 215 ? 1_555 75.8  ? 
5  O     ? F HOH . ? A HOH 212 ? 1_555 CA ? C CA . ? A CA 101 ? 1_555 O     ? F HOH . ? A HOH 215 ? 1_555 109.7 ? 
6  O     ? F HOH . ? A HOH 214 ? 1_555 CA ? C CA . ? A CA 101 ? 1_555 O     ? F HOH . ? A HOH 215 ? 1_555 146.1 ? 
7  O4    ? A U   4 ? A U   4   ? 1_555 CA ? C CA . ? A CA 101 ? 1_555 O     ? G HOH . ? B HOH 216 ? 1_555 143.7 ? 
8  O     ? F HOH . ? A HOH 212 ? 1_555 CA ? C CA . ? A CA 101 ? 1_555 O     ? G HOH . ? B HOH 216 ? 1_555 84.1  ? 
9  O     ? F HOH . ? A HOH 214 ? 1_555 CA ? C CA . ? A CA 101 ? 1_555 O     ? G HOH . ? B HOH 216 ? 1_555 139.8 ? 
10 O     ? F HOH . ? A HOH 215 ? 1_555 CA ? C CA . ? A CA 101 ? 1_555 O     ? G HOH . ? B HOH 216 ? 1_555 74.0  ? 
11 O4    ? A U   4 ? A U   4   ? 1_555 CA ? C CA . ? A CA 101 ? 1_555 O     ? G HOH . ? B HOH 219 ? 1_555 143.3 ? 
12 O     ? F HOH . ? A HOH 212 ? 1_555 CA ? C CA . ? A CA 101 ? 1_555 O     ? G HOH . ? B HOH 219 ? 1_555 98.2  ? 
13 O     ? F HOH . ? A HOH 214 ? 1_555 CA ? C CA . ? A CA 101 ? 1_555 O     ? G HOH . ? B HOH 219 ? 1_555 73.9  ? 
14 O     ? F HOH . ? A HOH 215 ? 1_555 CA ? C CA . ? A CA 101 ? 1_555 O     ? G HOH . ? B HOH 219 ? 1_555 133.7 ? 
15 O     ? G HOH . ? B HOH 216 ? 1_555 CA ? C CA . ? A CA 101 ? 1_555 O     ? G HOH . ? B HOH 219 ? 1_555 73.0  ? 
16 O4    ? A U   4 ? A U   4   ? 1_555 CA ? C CA . ? A CA 101 ? 1_555 O     ? G HOH . ? B HOH 220 ? 1_555 91.8  ? 
17 O     ? F HOH . ? A HOH 212 ? 1_555 CA ? C CA . ? A CA 101 ? 1_555 O     ? G HOH . ? B HOH 220 ? 1_555 168.8 ? 
18 O     ? F HOH . ? A HOH 214 ? 1_555 CA ? C CA . ? A CA 101 ? 1_555 O     ? G HOH . ? B HOH 220 ? 1_555 90.5  ? 
19 O     ? F HOH . ? A HOH 215 ? 1_555 CA ? C CA . ? A CA 101 ? 1_555 O     ? G HOH . ? B HOH 220 ? 1_555 80.9  ? 
20 O     ? G HOH . ? B HOH 216 ? 1_555 CA ? C CA . ? A CA 101 ? 1_555 O     ? G HOH . ? B HOH 220 ? 1_555 102.8 ? 
21 O     ? G HOH . ? B HOH 219 ? 1_555 CA ? C CA . ? A CA 101 ? 1_555 O     ? G HOH . ? B HOH 220 ? 1_555 75.8  ? 
22 OP1   ? A G   7 ? A G   7   ? 1_555 CA ? D CA . ? A CA 102 ? 1_555 OP1   ? A G   7 ? A G   7   ? 1_555 0.0   ? 
23 OP1   ? A G   7 ? A G   7   ? 1_555 CA ? D CA . ? A CA 102 ? 1_555 O     ? F HOH . ? A HOH 208 ? 1_555 81.9  ? 
24 OP1   ? A G   7 ? A G   7   ? 1_555 CA ? D CA . ? A CA 102 ? 1_555 O     ? F HOH . ? A HOH 208 ? 1_555 81.9  ? 
25 OP1   ? A G   7 ? A G   7   ? 1_555 CA ? D CA . ? A CA 102 ? 1_555 O     ? F HOH . ? A HOH 208 ? 3_555 171.4 ? 
26 OP1   ? A G   7 ? A G   7   ? 1_555 CA ? D CA . ? A CA 102 ? 1_555 O     ? F HOH . ? A HOH 208 ? 3_555 171.4 ? 
27 O     ? F HOH . ? A HOH 208 ? 1_555 CA ? D CA . ? A CA 102 ? 1_555 O     ? F HOH . ? A HOH 208 ? 3_555 89.7  ? 
28 "O2'" ? B A   5 ? B A   5   ? 1_555 CA ? E CA . ? B CA 101 ? 1_555 "O2'" ? B A   5 ? B A   5   ? 1_555 0.0   ? 
29 "O2'" ? B A   5 ? B A   5   ? 1_555 CA ? E CA . ? B CA 101 ? 1_555 O     ? G HOH . ? B HOH 208 ? 1_555 122.8 ? 
30 "O2'" ? B A   5 ? B A   5   ? 1_555 CA ? E CA . ? B CA 101 ? 1_555 O     ? G HOH . ? B HOH 208 ? 1_555 122.8 ? 
31 "O2'" ? B A   5 ? B A   5   ? 1_555 CA ? E CA . ? B CA 101 ? 1_555 O     ? G HOH . ? B HOH 208 ? 2_555 122.9 ? 
32 "O2'" ? B A   5 ? B A   5   ? 1_555 CA ? E CA . ? B CA 101 ? 1_555 O     ? G HOH . ? B HOH 208 ? 2_555 122.9 ? 
33 O     ? G HOH . ? B HOH 208 ? 1_555 CA ? E CA . ? B CA 101 ? 1_555 O     ? G HOH . ? B HOH 208 ? 2_555 0.1   ? 
# 
loop_
_struct_site.id 
_struct_site.pdbx_evidence_code 
_struct_site.pdbx_auth_asym_id 
_struct_site.pdbx_auth_comp_id 
_struct_site.pdbx_auth_seq_id 
_struct_site.pdbx_auth_ins_code 
_struct_site.pdbx_num_residues 
_struct_site.details 
AC1 Software A CA 101 ? 7 'binding site for residue CA A 101' 
AC2 Software A CA 102 ? 6 'binding site for residue CA A 102' 
AC3 Software B CA 101 ? 3 'binding site for residue CA B 101' 
# 
loop_
_struct_site_gen.id 
_struct_site_gen.site_id 
_struct_site_gen.pdbx_num_res 
_struct_site_gen.label_comp_id 
_struct_site_gen.label_asym_id 
_struct_site_gen.label_seq_id 
_struct_site_gen.pdbx_auth_ins_code 
_struct_site_gen.auth_comp_id 
_struct_site_gen.auth_asym_id 
_struct_site_gen.auth_seq_id 
_struct_site_gen.label_atom_id 
_struct_site_gen.label_alt_id 
_struct_site_gen.symmetry 
_struct_site_gen.details 
1  AC1 7 U   A 4 ? U   A 4   . ? 1_555 ? 
2  AC1 7 HOH F . ? HOH A 212 . ? 1_555 ? 
3  AC1 7 HOH F . ? HOH A 214 . ? 1_555 ? 
4  AC1 7 HOH F . ? HOH A 215 . ? 1_555 ? 
5  AC1 7 HOH G . ? HOH B 216 . ? 1_555 ? 
6  AC1 7 HOH G . ? HOH B 219 . ? 1_555 ? 
7  AC1 7 HOH G . ? HOH B 220 . ? 1_555 ? 
8  AC2 6 G   A 7 ? G   A 7   . ? 2_555 ? 
9  AC2 6 G   A 7 ? G   A 7   . ? 1_555 ? 
10 AC2 6 G   A 7 ? G   A 7   . ? 3_555 ? 
11 AC2 6 HOH F . ? HOH A 208 . ? 3_555 ? 
12 AC2 6 HOH F . ? HOH A 208 . ? 2_555 ? 
13 AC2 6 HOH F . ? HOH A 208 . ? 1_555 ? 
14 AC3 3 A   B 5 ? A   B 5   . ? 3_555 ? 
15 AC3 3 A   B 5 ? A   B 5   . ? 2_555 ? 
16 AC3 3 A   B 5 ? A   B 5   . ? 1_555 ? 
# 
loop_
_pdbx_validate_close_contact.id 
_pdbx_validate_close_contact.PDB_model_num 
_pdbx_validate_close_contact.auth_atom_id_1 
_pdbx_validate_close_contact.auth_asym_id_1 
_pdbx_validate_close_contact.auth_comp_id_1 
_pdbx_validate_close_contact.auth_seq_id_1 
_pdbx_validate_close_contact.PDB_ins_code_1 
_pdbx_validate_close_contact.label_alt_id_1 
_pdbx_validate_close_contact.auth_atom_id_2 
_pdbx_validate_close_contact.auth_asym_id_2 
_pdbx_validate_close_contact.auth_comp_id_2 
_pdbx_validate_close_contact.auth_seq_id_2 
_pdbx_validate_close_contact.PDB_ins_code_2 
_pdbx_validate_close_contact.label_alt_id_2 
_pdbx_validate_close_contact.dist 
1 1 O   B HOH 210 ? ? O B HOH 214 ? ? 2.11 
2 1 OP1 A A   5   ? ? O A HOH 201 ? ? 2.17 
# 
loop_
_pdbx_struct_special_symmetry.id 
_pdbx_struct_special_symmetry.PDB_model_num 
_pdbx_struct_special_symmetry.auth_asym_id 
_pdbx_struct_special_symmetry.auth_comp_id 
_pdbx_struct_special_symmetry.auth_seq_id 
_pdbx_struct_special_symmetry.PDB_ins_code 
_pdbx_struct_special_symmetry.label_asym_id 
_pdbx_struct_special_symmetry.label_comp_id 
_pdbx_struct_special_symmetry.label_seq_id 
1 1 A CA  102 ? D CA  . 
2 1 B CA  101 ? E CA  . 
3 1 A HOH 209 ? F HOH . 
4 1 B HOH 208 ? G HOH . 
# 
loop_
_chem_comp_atom.comp_id 
_chem_comp_atom.atom_id 
_chem_comp_atom.type_symbol 
_chem_comp_atom.pdbx_aromatic_flag 
_chem_comp_atom.pdbx_stereo_config 
_chem_comp_atom.pdbx_ordinal 
A   OP3    O  N N 1   
A   P      P  N N 2   
A   OP1    O  N N 3   
A   OP2    O  N N 4   
A   "O5'"  O  N N 5   
A   "C5'"  C  N N 6   
A   "C4'"  C  N R 7   
A   "O4'"  O  N N 8   
A   "C3'"  C  N S 9   
A   "O3'"  O  N N 10  
A   "C2'"  C  N R 11  
A   "O2'"  O  N N 12  
A   "C1'"  C  N R 13  
A   N9     N  Y N 14  
A   C8     C  Y N 15  
A   N7     N  Y N 16  
A   C5     C  Y N 17  
A   C6     C  Y N 18  
A   N6     N  N N 19  
A   N1     N  Y N 20  
A   C2     C  Y N 21  
A   N3     N  Y N 22  
A   C4     C  Y N 23  
A   HOP3   H  N N 24  
A   HOP2   H  N N 25  
A   "H5'"  H  N N 26  
A   "H5''" H  N N 27  
A   "H4'"  H  N N 28  
A   "H3'"  H  N N 29  
A   "HO3'" H  N N 30  
A   "H2'"  H  N N 31  
A   "HO2'" H  N N 32  
A   "H1'"  H  N N 33  
A   H8     H  N N 34  
A   H61    H  N N 35  
A   H62    H  N N 36  
A   H2     H  N N 37  
C   OP3    O  N N 38  
C   P      P  N N 39  
C   OP1    O  N N 40  
C   OP2    O  N N 41  
C   "O5'"  O  N N 42  
C   "C5'"  C  N N 43  
C   "C4'"  C  N R 44  
C   "O4'"  O  N N 45  
C   "C3'"  C  N S 46  
C   "O3'"  O  N N 47  
C   "C2'"  C  N R 48  
C   "O2'"  O  N N 49  
C   "C1'"  C  N R 50  
C   N1     N  N N 51  
C   C2     C  N N 52  
C   O2     O  N N 53  
C   N3     N  N N 54  
C   C4     C  N N 55  
C   N4     N  N N 56  
C   C5     C  N N 57  
C   C6     C  N N 58  
C   HOP3   H  N N 59  
C   HOP2   H  N N 60  
C   "H5'"  H  N N 61  
C   "H5''" H  N N 62  
C   "H4'"  H  N N 63  
C   "H3'"  H  N N 64  
C   "HO3'" H  N N 65  
C   "H2'"  H  N N 66  
C   "HO2'" H  N N 67  
C   "H1'"  H  N N 68  
C   H41    H  N N 69  
C   H42    H  N N 70  
C   H5     H  N N 71  
C   H6     H  N N 72  
CA  CA     CA N N 73  
G   OP3    O  N N 74  
G   P      P  N N 75  
G   OP1    O  N N 76  
G   OP2    O  N N 77  
G   "O5'"  O  N N 78  
G   "C5'"  C  N N 79  
G   "C4'"  C  N R 80  
G   "O4'"  O  N N 81  
G   "C3'"  C  N S 82  
G   "O3'"  O  N N 83  
G   "C2'"  C  N R 84  
G   "O2'"  O  N N 85  
G   "C1'"  C  N R 86  
G   N9     N  Y N 87  
G   C8     C  Y N 88  
G   N7     N  Y N 89  
G   C5     C  Y N 90  
G   C6     C  N N 91  
G   O6     O  N N 92  
G   N1     N  N N 93  
G   C2     C  N N 94  
G   N2     N  N N 95  
G   N3     N  N N 96  
G   C4     C  Y N 97  
G   HOP3   H  N N 98  
G   HOP2   H  N N 99  
G   "H5'"  H  N N 100 
G   "H5''" H  N N 101 
G   "H4'"  H  N N 102 
G   "H3'"  H  N N 103 
G   "HO3'" H  N N 104 
G   "H2'"  H  N N 105 
G   "HO2'" H  N N 106 
G   "H1'"  H  N N 107 
G   H8     H  N N 108 
G   H1     H  N N 109 
G   H21    H  N N 110 
G   H22    H  N N 111 
HOH O      O  N N 112 
HOH H1     H  N N 113 
HOH H2     H  N N 114 
U   OP3    O  N N 115 
U   P      P  N N 116 
U   OP1    O  N N 117 
U   OP2    O  N N 118 
U   "O5'"  O  N N 119 
U   "C5'"  C  N N 120 
U   "C4'"  C  N R 121 
U   "O4'"  O  N N 122 
U   "C3'"  C  N S 123 
U   "O3'"  O  N N 124 
U   "C2'"  C  N R 125 
U   "O2'"  O  N N 126 
U   "C1'"  C  N R 127 
U   N1     N  N N 128 
U   C2     C  N N 129 
U   O2     O  N N 130 
U   N3     N  N N 131 
U   C4     C  N N 132 
U   O4     O  N N 133 
U   C5     C  N N 134 
U   C6     C  N N 135 
U   HOP3   H  N N 136 
U   HOP2   H  N N 137 
U   "H5'"  H  N N 138 
U   "H5''" H  N N 139 
U   "H4'"  H  N N 140 
U   "H3'"  H  N N 141 
U   "HO3'" H  N N 142 
U   "H2'"  H  N N 143 
U   "HO2'" H  N N 144 
U   "H1'"  H  N N 145 
U   H3     H  N N 146 
U   H5     H  N N 147 
U   H6     H  N N 148 
# 
loop_
_chem_comp_bond.comp_id 
_chem_comp_bond.atom_id_1 
_chem_comp_bond.atom_id_2 
_chem_comp_bond.value_order 
_chem_comp_bond.pdbx_aromatic_flag 
_chem_comp_bond.pdbx_stereo_config 
_chem_comp_bond.pdbx_ordinal 
A   OP3   P      sing N N 1   
A   OP3   HOP3   sing N N 2   
A   P     OP1    doub N N 3   
A   P     OP2    sing N N 4   
A   P     "O5'"  sing N N 5   
A   OP2   HOP2   sing N N 6   
A   "O5'" "C5'"  sing N N 7   
A   "C5'" "C4'"  sing N N 8   
A   "C5'" "H5'"  sing N N 9   
A   "C5'" "H5''" sing N N 10  
A   "C4'" "O4'"  sing N N 11  
A   "C4'" "C3'"  sing N N 12  
A   "C4'" "H4'"  sing N N 13  
A   "O4'" "C1'"  sing N N 14  
A   "C3'" "O3'"  sing N N 15  
A   "C3'" "C2'"  sing N N 16  
A   "C3'" "H3'"  sing N N 17  
A   "O3'" "HO3'" sing N N 18  
A   "C2'" "O2'"  sing N N 19  
A   "C2'" "C1'"  sing N N 20  
A   "C2'" "H2'"  sing N N 21  
A   "O2'" "HO2'" sing N N 22  
A   "C1'" N9     sing N N 23  
A   "C1'" "H1'"  sing N N 24  
A   N9    C8     sing Y N 25  
A   N9    C4     sing Y N 26  
A   C8    N7     doub Y N 27  
A   C8    H8     sing N N 28  
A   N7    C5     sing Y N 29  
A   C5    C6     sing Y N 30  
A   C5    C4     doub Y N 31  
A   C6    N6     sing N N 32  
A   C6    N1     doub Y N 33  
A   N6    H61    sing N N 34  
A   N6    H62    sing N N 35  
A   N1    C2     sing Y N 36  
A   C2    N3     doub Y N 37  
A   C2    H2     sing N N 38  
A   N3    C4     sing Y N 39  
C   OP3   P      sing N N 40  
C   OP3   HOP3   sing N N 41  
C   P     OP1    doub N N 42  
C   P     OP2    sing N N 43  
C   P     "O5'"  sing N N 44  
C   OP2   HOP2   sing N N 45  
C   "O5'" "C5'"  sing N N 46  
C   "C5'" "C4'"  sing N N 47  
C   "C5'" "H5'"  sing N N 48  
C   "C5'" "H5''" sing N N 49  
C   "C4'" "O4'"  sing N N 50  
C   "C4'" "C3'"  sing N N 51  
C   "C4'" "H4'"  sing N N 52  
C   "O4'" "C1'"  sing N N 53  
C   "C3'" "O3'"  sing N N 54  
C   "C3'" "C2'"  sing N N 55  
C   "C3'" "H3'"  sing N N 56  
C   "O3'" "HO3'" sing N N 57  
C   "C2'" "O2'"  sing N N 58  
C   "C2'" "C1'"  sing N N 59  
C   "C2'" "H2'"  sing N N 60  
C   "O2'" "HO2'" sing N N 61  
C   "C1'" N1     sing N N 62  
C   "C1'" "H1'"  sing N N 63  
C   N1    C2     sing N N 64  
C   N1    C6     sing N N 65  
C   C2    O2     doub N N 66  
C   C2    N3     sing N N 67  
C   N3    C4     doub N N 68  
C   C4    N4     sing N N 69  
C   C4    C5     sing N N 70  
C   N4    H41    sing N N 71  
C   N4    H42    sing N N 72  
C   C5    C6     doub N N 73  
C   C5    H5     sing N N 74  
C   C6    H6     sing N N 75  
G   OP3   P      sing N N 76  
G   OP3   HOP3   sing N N 77  
G   P     OP1    doub N N 78  
G   P     OP2    sing N N 79  
G   P     "O5'"  sing N N 80  
G   OP2   HOP2   sing N N 81  
G   "O5'" "C5'"  sing N N 82  
G   "C5'" "C4'"  sing N N 83  
G   "C5'" "H5'"  sing N N 84  
G   "C5'" "H5''" sing N N 85  
G   "C4'" "O4'"  sing N N 86  
G   "C4'" "C3'"  sing N N 87  
G   "C4'" "H4'"  sing N N 88  
G   "O4'" "C1'"  sing N N 89  
G   "C3'" "O3'"  sing N N 90  
G   "C3'" "C2'"  sing N N 91  
G   "C3'" "H3'"  sing N N 92  
G   "O3'" "HO3'" sing N N 93  
G   "C2'" "O2'"  sing N N 94  
G   "C2'" "C1'"  sing N N 95  
G   "C2'" "H2'"  sing N N 96  
G   "O2'" "HO2'" sing N N 97  
G   "C1'" N9     sing N N 98  
G   "C1'" "H1'"  sing N N 99  
G   N9    C8     sing Y N 100 
G   N9    C4     sing Y N 101 
G   C8    N7     doub Y N 102 
G   C8    H8     sing N N 103 
G   N7    C5     sing Y N 104 
G   C5    C6     sing N N 105 
G   C5    C4     doub Y N 106 
G   C6    O6     doub N N 107 
G   C6    N1     sing N N 108 
G   N1    C2     sing N N 109 
G   N1    H1     sing N N 110 
G   C2    N2     sing N N 111 
G   C2    N3     doub N N 112 
G   N2    H21    sing N N 113 
G   N2    H22    sing N N 114 
G   N3    C4     sing N N 115 
HOH O     H1     sing N N 116 
HOH O     H2     sing N N 117 
U   OP3   P      sing N N 118 
U   OP3   HOP3   sing N N 119 
U   P     OP1    doub N N 120 
U   P     OP2    sing N N 121 
U   P     "O5'"  sing N N 122 
U   OP2   HOP2   sing N N 123 
U   "O5'" "C5'"  sing N N 124 
U   "C5'" "C4'"  sing N N 125 
U   "C5'" "H5'"  sing N N 126 
U   "C5'" "H5''" sing N N 127 
U   "C4'" "O4'"  sing N N 128 
U   "C4'" "C3'"  sing N N 129 
U   "C4'" "H4'"  sing N N 130 
U   "O4'" "C1'"  sing N N 131 
U   "C3'" "O3'"  sing N N 132 
U   "C3'" "C2'"  sing N N 133 
U   "C3'" "H3'"  sing N N 134 
U   "O3'" "HO3'" sing N N 135 
U   "C2'" "O2'"  sing N N 136 
U   "C2'" "C1'"  sing N N 137 
U   "C2'" "H2'"  sing N N 138 
U   "O2'" "HO2'" sing N N 139 
U   "C1'" N1     sing N N 140 
U   "C1'" "H1'"  sing N N 141 
U   N1    C2     sing N N 142 
U   N1    C6     sing N N 143 
U   C2    O2     doub N N 144 
U   C2    N3     sing N N 145 
U   N3    C4     sing N N 146 
U   N3    H3     sing N N 147 
U   C4    O4     doub N N 148 
U   C4    C5     sing N N 149 
U   C5    C6     doub N N 150 
U   C5    H5     sing N N 151 
U   C6    H6     sing N N 152 
# 
_ndb_struct_conf_na.entry_id   4U3L 
_ndb_struct_conf_na.feature    'a-form double helix' 
# 
loop_
_ndb_struct_na_base_pair.model_number 
_ndb_struct_na_base_pair.i_label_asym_id 
_ndb_struct_na_base_pair.i_label_comp_id 
_ndb_struct_na_base_pair.i_label_seq_id 
_ndb_struct_na_base_pair.i_symmetry 
_ndb_struct_na_base_pair.j_label_asym_id 
_ndb_struct_na_base_pair.j_label_comp_id 
_ndb_struct_na_base_pair.j_label_seq_id 
_ndb_struct_na_base_pair.j_symmetry 
_ndb_struct_na_base_pair.shear 
_ndb_struct_na_base_pair.stretch 
_ndb_struct_na_base_pair.stagger 
_ndb_struct_na_base_pair.buckle 
_ndb_struct_na_base_pair.propeller 
_ndb_struct_na_base_pair.opening 
_ndb_struct_na_base_pair.pair_number 
_ndb_struct_na_base_pair.pair_name 
_ndb_struct_na_base_pair.i_auth_asym_id 
_ndb_struct_na_base_pair.i_auth_seq_id 
_ndb_struct_na_base_pair.i_PDB_ins_code 
_ndb_struct_na_base_pair.j_auth_asym_id 
_ndb_struct_na_base_pair.j_auth_seq_id 
_ndb_struct_na_base_pair.j_PDB_ins_code 
_ndb_struct_na_base_pair.hbond_type_28 
_ndb_struct_na_base_pair.hbond_type_12 
1 A U 1 1_555 B A 8 1_555 -0.244 -0.042 0.103 6.367  -19.031 -4.152 1 A_U1:A8_B A 1 ? B 8 ? 20 1 
1 A C 2 1_555 B G 7 1_555 0.224  -0.270 0.134 7.859  -20.156 -0.561 2 A_C2:G7_B A 2 ? B 7 ? 19 1 
1 A G 3 1_555 B C 6 1_555 -0.172 -0.158 0.277 -1.703 -17.171 -1.198 3 A_G3:C6_B A 3 ? B 6 ? 19 1 
1 A U 4 1_555 B A 5 1_555 0.158  0.013  0.387 0.652  -20.868 8.189  4 A_U4:A5_B A 4 ? B 5 ? 20 1 
1 A A 5 1_555 B U 4 1_555 -0.025 -0.107 0.109 0.350  -14.017 0.207  5 A_A5:U4_B A 5 ? B 4 ? 20 1 
1 A C 6 1_555 B G 3 1_555 0.219  -0.092 0.179 -1.445 -13.966 -0.099 6 A_C6:G3_B A 6 ? B 3 ? 19 1 
1 A G 7 1_555 B C 2 1_555 -0.237 -0.176 0.271 -5.235 -21.263 -1.362 7 A_G7:C2_B A 7 ? B 2 ? 19 1 
1 A A 8 1_555 B U 1 1_555 0.221  -0.035 0.202 -8.453 -16.994 -2.688 8 A_A8:U1_B A 8 ? B 1 ? 20 1 
# 
loop_
_ndb_struct_na_base_pair_step.model_number 
_ndb_struct_na_base_pair_step.i_label_asym_id_1 
_ndb_struct_na_base_pair_step.i_label_comp_id_1 
_ndb_struct_na_base_pair_step.i_label_seq_id_1 
_ndb_struct_na_base_pair_step.i_symmetry_1 
_ndb_struct_na_base_pair_step.j_label_asym_id_1 
_ndb_struct_na_base_pair_step.j_label_comp_id_1 
_ndb_struct_na_base_pair_step.j_label_seq_id_1 
_ndb_struct_na_base_pair_step.j_symmetry_1 
_ndb_struct_na_base_pair_step.i_label_asym_id_2 
_ndb_struct_na_base_pair_step.i_label_comp_id_2 
_ndb_struct_na_base_pair_step.i_label_seq_id_2 
_ndb_struct_na_base_pair_step.i_symmetry_2 
_ndb_struct_na_base_pair_step.j_label_asym_id_2 
_ndb_struct_na_base_pair_step.j_label_comp_id_2 
_ndb_struct_na_base_pair_step.j_label_seq_id_2 
_ndb_struct_na_base_pair_step.j_symmetry_2 
_ndb_struct_na_base_pair_step.shift 
_ndb_struct_na_base_pair_step.slide 
_ndb_struct_na_base_pair_step.rise 
_ndb_struct_na_base_pair_step.tilt 
_ndb_struct_na_base_pair_step.roll 
_ndb_struct_na_base_pair_step.twist 
_ndb_struct_na_base_pair_step.x_displacement 
_ndb_struct_na_base_pair_step.y_displacement 
_ndb_struct_na_base_pair_step.helical_rise 
_ndb_struct_na_base_pair_step.inclination 
_ndb_struct_na_base_pair_step.tip 
_ndb_struct_na_base_pair_step.helical_twist 
_ndb_struct_na_base_pair_step.step_number 
_ndb_struct_na_base_pair_step.step_name 
_ndb_struct_na_base_pair_step.i_auth_asym_id_1 
_ndb_struct_na_base_pair_step.i_auth_seq_id_1 
_ndb_struct_na_base_pair_step.i_PDB_ins_code_1 
_ndb_struct_na_base_pair_step.j_auth_asym_id_1 
_ndb_struct_na_base_pair_step.j_auth_seq_id_1 
_ndb_struct_na_base_pair_step.j_PDB_ins_code_1 
_ndb_struct_na_base_pair_step.i_auth_asym_id_2 
_ndb_struct_na_base_pair_step.i_auth_seq_id_2 
_ndb_struct_na_base_pair_step.i_PDB_ins_code_2 
_ndb_struct_na_base_pair_step.j_auth_asym_id_2 
_ndb_struct_na_base_pair_step.j_auth_seq_id_2 
_ndb_struct_na_base_pair_step.j_PDB_ins_code_2 
1 A U 1 1_555 B A 8 1_555 A C 2 1_555 B G 7 1_555 -0.089 -1.096 3.127 -2.351 4.761  38.443 -2.195 -0.135 2.976 7.188  3.549  
38.795 1 AA_U1C2:G7A8_BB A 1 ? B 8 ? A 2 ? B 7 ? 
1 A C 2 1_555 B G 7 1_555 A G 3 1_555 B C 6 1_555 -0.182 -1.794 3.192 -1.595 16.206 31.266 -5.032 0.098  2.050 27.830 2.739  
35.158 2 AA_C2G3:C6G7_BB A 2 ? B 7 ? A 3 ? B 6 ? 
1 A G 3 1_555 B C 6 1_555 A U 4 1_555 B A 5 1_555 0.887  -1.261 3.155 1.353  7.591  31.798 -3.457 -1.358 2.821 13.606 -2.425 
32.696 3 AA_G3U4:A5C6_BB A 3 ? B 6 ? A 4 ? B 5 ? 
1 A U 4 1_555 B A 5 1_555 A A 5 1_555 B U 4 1_555 -0.833 -1.429 2.899 -0.235 19.681 33.197 -4.074 1.242  1.809 31.267 0.373  
38.451 4 AA_U4A5:U4A5_BB A 4 ? B 5 ? A 5 ? B 4 ? 
1 A A 5 1_555 B U 4 1_555 A C 6 1_555 B G 3 1_555 0.347  -1.103 3.312 1.654  15.046 31.141 -4.057 -0.342 2.542 26.178 -2.878 
34.543 5 AA_A5C6:G3U4_BB A 5 ? B 4 ? A 6 ? B 3 ? 
1 A C 6 1_555 B G 3 1_555 A G 7 1_555 B C 2 1_555 0.760  -1.825 3.029 3.344  17.883 28.119 -5.505 -0.888 1.679 32.819 -6.138 
33.392 6 AA_C6G7:C2G3_BB A 6 ? B 3 ? A 7 ? B 2 ? 
1 A G 7 1_555 B C 2 1_555 A A 8 1_555 B U 1 1_555 0.051  -1.398 3.251 3.504  4.801  38.509 -2.660 0.335  3.055 7.227  -5.275 
38.948 7 AA_G7A8:U1C2_BB A 7 ? B 2 ? A 8 ? B 1 ? 
# 
_atom_sites.entry_id                    4U3L 
_atom_sites.fract_transf_matrix[1][1]   0.02194975 
_atom_sites.fract_transf_matrix[1][2]   0.00211514 
_atom_sites.fract_transf_matrix[1][3]   -0.01002225 
_atom_sites.fract_transf_matrix[2][1]   0.00711823 
_atom_sites.fract_transf_matrix[2][2]   -0.01571954 
_atom_sites.fract_transf_matrix[2][3]   -0.01699800 
_atom_sites.fract_transf_matrix[3][1]   -0.00733961 
_atom_sites.fract_transf_matrix[3][2]   0.01144615 
_atom_sites.fract_transf_matrix[3][3]   -0.01365885 
_atom_sites.fract_transf_vector[1]      0.205779 
_atom_sites.fract_transf_vector[2]      -0.022670 
_atom_sites.fract_transf_vector[3]      -0.185165 
# 
loop_
_atom_type.symbol 
C  
CA 
N  
O  
P  
# 
loop_
_atom_site.group_PDB 
_atom_site.id 
_atom_site.type_symbol 
_atom_site.label_atom_id 
_atom_site.label_alt_id 
_atom_site.label_comp_id 
_atom_site.label_asym_id 
_atom_site.label_entity_id 
_atom_site.label_seq_id 
_atom_site.pdbx_PDB_ins_code 
_atom_site.Cartn_x 
_atom_site.Cartn_y 
_atom_site.Cartn_z 
_atom_site.occupancy 
_atom_site.B_iso_or_equiv 
_atom_site.pdbx_formal_charge 
_atom_site.auth_seq_id 
_atom_site.auth_comp_id 
_atom_site.auth_asym_id 
_atom_site.auth_atom_id 
_atom_site.pdbx_PDB_model_num 
ATOM   1   O  "O5'" . U   A 1 1 ? 7.885   3.338   -4.216 1.00 29.19 ? 1   U   A "O5'" 1 
ATOM   2   C  "C5'" . U   A 1 1 ? 9.069   4.111   -4.364 1.00 24.78 ? 1   U   A "C5'" 1 
ATOM   3   C  "C4'" . U   A 1 1 ? 8.804   5.576   -4.129 1.00 22.85 ? 1   U   A "C4'" 1 
ATOM   4   O  "O4'" . U   A 1 1 ? 7.981   6.102   -5.196 1.00 23.06 ? 1   U   A "O4'" 1 
ATOM   5   C  "C3'" . U   A 1 1 ? 8.035   5.905   -2.862 1.00 23.42 ? 1   U   A "C3'" 1 
ATOM   6   O  "O3'" . U   A 1 1 ? 8.895   5.971   -1.739 1.00 25.73 ? 1   U   A "O3'" 1 
ATOM   7   C  "C2'" . U   A 1 1 ? 7.371   7.234   -3.197 1.00 22.77 ? 1   U   A "C2'" 1 
ATOM   8   O  "O2'" . U   A 1 1 ? 8.296   8.299   -3.048 1.00 24.21 ? 1   U   A "O2'" 1 
ATOM   9   C  "C1'" . U   A 1 1 ? 7.082   7.064   -4.685 1.00 21.37 ? 1   U   A "C1'" 1 
ATOM   10  N  N1    . U   A 1 1 ? 5.700   6.626   -4.992 1.00 19.55 ? 1   U   A N1    1 
ATOM   11  C  C2    . U   A 1 1 ? 4.662   7.527   -4.814 1.00 20.77 ? 1   U   A C2    1 
ATOM   12  O  O2    . U   A 1 1 ? 4.802   8.647   -4.353 1.00 22.97 ? 1   U   A O2    1 
ATOM   13  N  N3    . U   A 1 1 ? 3.433   7.051   -5.174 1.00 18.10 ? 1   U   A N3    1 
ATOM   14  C  C4    . U   A 1 1 ? 3.139   5.808   -5.701 1.00 17.82 ? 1   U   A C4    1 
ATOM   15  O  O4    . U   A 1 1 ? 1.972   5.541   -5.992 1.00 20.09 ? 1   U   A O4    1 
ATOM   16  C  C5    . U   A 1 1 ? 4.261   4.936   -5.868 1.00 19.09 ? 1   U   A C5    1 
ATOM   17  C  C6    . U   A 1 1 ? 5.475   5.376   -5.521 1.00 20.68 ? 1   U   A C6    1 
ATOM   18  P  P     . C   A 1 2 ? 8.442   5.386   -0.314 1.00 26.22 ? 2   C   A P     1 
ATOM   19  O  OP1   . C   A 1 2 ? 9.654   5.422   0.549  1.00 30.05 ? 2   C   A OP1   1 
ATOM   20  O  OP2   . C   A 1 2 ? 7.719   4.108   -0.504 1.00 23.13 ? 2   C   A OP2   1 
ATOM   21  O  "O5'" . C   A 1 2 ? 7.383   6.436   0.219  1.00 24.89 ? 2   C   A "O5'" 1 
ATOM   22  C  "C5'" . C   A 1 2 ? 7.766   7.753   0.567  1.00 23.94 ? 2   C   A "C5'" 1 
ATOM   23  C  "C4'" . C   A 1 2 ? 6.554   8.605   0.822  1.00 22.54 ? 2   C   A "C4'" 1 
ATOM   24  O  "O4'" . C   A 1 2 ? 5.825   8.811   -0.418 1.00 23.45 ? 2   C   A "O4'" 1 
ATOM   25  C  "C3'" . C   A 1 2 ? 5.513   8.008   1.753  1.00 24.66 ? 2   C   A "C3'" 1 
ATOM   26  O  "O3'" . C   A 1 2 ? 5.853   8.124   3.123  1.00 24.92 ? 2   C   A "O3'" 1 
ATOM   27  C  "C2'" . C   A 1 2 ? 4.263   8.774   1.363  1.00 22.48 ? 2   C   A "C2'" 1 
ATOM   28  O  "O2'" . C   A 1 2 ? 4.317   10.092  1.891  1.00 26.08 ? 2   C   A "O2'" 1 
ATOM   29  C  "C1'" . C   A 1 2 ? 4.439   8.868   -0.149 1.00 24.58 ? 2   C   A "C1'" 1 
ATOM   30  N  N1    . C   A 1 2 ? 3.766   7.763   -0.872 1.00 20.63 ? 2   C   A N1    1 
ATOM   31  C  C2    . C   A 1 2 ? 2.412   7.913   -1.172 1.00 19.66 ? 2   C   A C2    1 
ATOM   32  O  O2    . C   A 1 2 ? 1.839   8.948   -0.800 1.00 22.60 ? 2   C   A O2    1 
ATOM   33  N  N3    . C   A 1 2 ? 1.773   6.931   -1.842 1.00 18.52 ? 2   C   A N3    1 
ATOM   34  C  C4    . C   A 1 2 ? 2.432   5.834   -2.218 1.00 18.19 ? 2   C   A C4    1 
ATOM   35  N  N4    . C   A 1 2 ? 1.752   4.893   -2.884 1.00 19.85 ? 2   C   A N4    1 
ATOM   36  C  C5    . C   A 1 2 ? 3.813   5.645   -1.918 1.00 19.38 ? 2   C   A C5    1 
ATOM   37  C  C6    . C   A 1 2 ? 4.434   6.629   -1.255 1.00 20.55 ? 2   C   A C6    1 
ATOM   38  P  P     . G   A 1 3 ? 5.360   7.009   4.171  1.00 26.97 ? 3   G   A P     1 
ATOM   39  O  OP1   . G   A 1 3 ? 5.907   7.375   5.506  1.00 29.28 ? 3   G   A OP1   1 
ATOM   40  O  OP2   . G   A 1 3 ? 5.661   5.665   3.627  1.00 24.44 ? 3   G   A OP2   1 
ATOM   41  O  "O5'" . G   A 1 3 ? 3.784   7.206   4.228  1.00 23.29 ? 3   G   A "O5'" 1 
ATOM   42  C  "C5'" . G   A 1 3 ? 3.229   8.395   4.769  1.00 25.04 ? 3   G   A "C5'" 1 
ATOM   43  C  "C4'" . G   A 1 3 ? 1.724   8.405   4.698  1.00 23.85 ? 3   G   A "C4'" 1 
ATOM   44  O  "O4'" . G   A 1 3 ? 1.275   8.542   3.323  1.00 24.24 ? 3   G   A "O4'" 1 
ATOM   45  C  "C3'" . G   A 1 3 ? 1.012   7.150   5.172  1.00 22.46 ? 3   G   A "C3'" 1 
ATOM   46  O  "O3'" . G   A 1 3 ? 0.976   7.008   6.583  1.00 24.96 ? 3   G   A "O3'" 1 
ATOM   47  C  "C2'" . G   A 1 3 ? -0.353  7.305   4.523  1.00 22.43 ? 3   G   A "C2'" 1 
ATOM   48  O  "O2'" . G   A 1 3 ? -1.115  8.302   5.189  1.00 26.63 ? 3   G   A "O2'" 1 
ATOM   49  C  "C1'" . G   A 1 3 ? 0.045   7.859   3.156  1.00 22.03 ? 3   G   A "C1'" 1 
ATOM   50  N  N9    . G   A 1 3 ? 0.217   6.780   2.161  1.00 19.70 ? 3   G   A N9    1 
ATOM   51  C  C8    . G   A 1 3 ? 1.385   6.181   1.745  1.00 20.13 ? 3   G   A C8    1 
ATOM   52  N  N7    . G   A 1 3 ? 1.192   5.247   0.854  1.00 19.07 ? 3   G   A N7    1 
ATOM   53  C  C5    . G   A 1 3 ? -0.184  5.236   0.669  1.00 16.61 ? 3   G   A C5    1 
ATOM   54  C  C6    . G   A 1 3 ? -0.984  4.433   -0.189 1.00 16.90 ? 3   G   A C6    1 
ATOM   55  O  O6    . G   A 1 3 ? -0.628  3.553   -0.970 1.00 17.86 ? 3   G   A O6    1 
ATOM   56  N  N1    . G   A 1 3 ? -2.328  4.730   -0.068 1.00 18.42 ? 3   G   A N1    1 
ATOM   57  C  C2    . G   A 1 3 ? -2.851  5.686   0.768  1.00 19.21 ? 3   G   A C2    1 
ATOM   58  N  N2    . G   A 1 3 ? -4.184  5.815   0.736  1.00 20.25 ? 3   G   A N2    1 
ATOM   59  N  N3    . G   A 1 3 ? -2.122  6.448   1.566  1.00 18.90 ? 3   G   A N3    1 
ATOM   60  C  C4    . G   A 1 3 ? -0.804  6.165   1.470  1.00 18.56 ? 3   G   A C4    1 
ATOM   61  P  P     . U   A 1 4 ? 1.037   5.545   7.240  1.00 25.92 ? 4   U   A P     1 
ATOM   62  O  OP1   . U   A 1 4 ? 1.102   5.724   8.721  1.00 29.83 ? 4   U   A OP1   1 
ATOM   63  O  OP2   . U   A 1 4 ? 2.069   4.735   6.565  1.00 24.25 ? 4   U   A OP2   1 
ATOM   64  O  "O5'" . U   A 1 4 ? -0.373  4.899   6.897  1.00 23.25 ? 4   U   A "O5'" 1 
ATOM   65  C  "C5'" . U   A 1 4 ? -1.571  5.526   7.315  1.00 21.75 ? 4   U   A "C5'" 1 
ATOM   66  C  "C4'" . U   A 1 4 ? -2.763  4.964   6.587  1.00 21.84 ? 4   U   A "C4'" 1 
ATOM   67  O  "O4'" . U   A 1 4 ? -2.629  5.173   5.154  1.00 21.86 ? 4   U   A "O4'" 1 
ATOM   68  C  "C3'" . U   A 1 4 ? -2.973  3.466   6.708  1.00 22.57 ? 4   U   A "C3'" 1 
ATOM   69  O  "O3'" . U   A 1 4 ? -3.530  3.081   7.949  1.00 22.35 ? 4   U   A "O3'" 1 
ATOM   70  C  "C2'" . U   A 1 4 ? -3.867  3.180   5.511  1.00 20.05 ? 4   U   A "C2'" 1 
ATOM   71  O  "O2'" . U   A 1 4 ? -5.187  3.640   5.770  1.00 21.24 ? 4   U   A "O2'" 1 
ATOM   72  C  "C1'" . U   A 1 4 ? -3.239  4.101   4.460  1.00 19.45 ? 4   U   A "C1'" 1 
ATOM   73  N  N1    . U   A 1 4 ? -2.203  3.398   3.663  1.00 18.48 ? 4   U   A N1    1 
ATOM   74  C  C2    . U   A 1 4 ? -2.659  2.627   2.606  1.00 16.89 ? 4   U   A C2    1 
ATOM   75  O  O2    . U   A 1 4 ? -3.840  2.539   2.339  1.00 19.35 ? 4   U   A O2    1 
ATOM   76  N  N3    . U   A 1 4 ? -1.689  1.989   1.874  1.00 17.08 ? 4   U   A N3    1 
ATOM   77  C  C4    . U   A 1 4 ? -0.330  2.021   2.102  1.00 18.85 ? 4   U   A C4    1 
ATOM   78  O  O4    . U   A 1 4 ? 0.418   1.380   1.359  1.00 18.06 ? 4   U   A O4    1 
ATOM   79  C  C5    . U   A 1 4 ? 0.069   2.838   3.220  1.00 17.45 ? 4   U   A C5    1 
ATOM   80  C  C6    . U   A 1 4 ? -0.856  3.480   3.945  1.00 19.02 ? 4   U   A C6    1 
ATOM   81  P  P     . A   A 1 5 ? -3.203  1.631   8.568  1.00 20.53 ? 5   A   A P     1 
ATOM   82  O  OP1   . A   A 1 5 ? -3.677  1.611   9.978  1.00 21.20 ? 5   A   A OP1   1 
ATOM   83  O  OP2   . A   A 1 5 ? -1.806  1.244   8.292  1.00 20.18 ? 5   A   A OP2   1 
ATOM   84  O  "O5'" . A   A 1 5 ? -4.088  0.654   7.684  1.00 18.58 ? 5   A   A "O5'" 1 
ATOM   85  C  "C5'" . A   A 1 5 ? -5.500  0.657   7.798  1.00 19.12 ? 5   A   A "C5'" 1 
ATOM   86  C  "C4'" . A   A 1 5 ? -6.106  -0.405  6.922  1.00 18.07 ? 5   A   A "C4'" 1 
ATOM   87  O  "O4'" . A   A 1 5 ? -5.885  -0.077  5.526  1.00 17.29 ? 5   A   A "O4'" 1 
ATOM   88  C  "C3'" . A   A 1 5 ? -5.506  -1.789  7.066  1.00 18.13 ? 5   A   A "C3'" 1 
ATOM   89  O  "O3'" . A   A 1 5 ? -6.016  -2.488  8.187  1.00 17.76 ? 5   A   A "O3'" 1 
ATOM   90  C  "C2'" . A   A 1 5 ? -5.869  -2.438  5.744  1.00 16.09 ? 5   A   A "C2'" 1 
ATOM   91  O  "O2'" . A   A 1 5 ? -7.248  -2.791  5.746  1.00 17.15 ? 5   A   A "O2'" 1 
ATOM   92  C  "C1'" . A   A 1 5 ? -5.689  -1.264  4.785  1.00 17.12 ? 5   A   A "C1'" 1 
ATOM   93  N  N9    . A   A 1 5 ? -4.348  -1.203  4.168  1.00 16.82 ? 5   A   A N9    1 
ATOM   94  C  C8    . A   A 1 5 ? -3.266  -0.470  4.592  1.00 17.28 ? 5   A   A C8    1 
ATOM   95  N  N7    . A   A 1 5 ? -2.221  -0.563  3.800  1.00 16.55 ? 5   A   A N7    1 
ATOM   96  C  C5    . A   A 1 5 ? -2.651  -1.400  2.779  1.00 15.01 ? 5   A   A C5    1 
ATOM   97  C  C6    . A   A 1 5 ? -2.022  -1.888  1.615  1.00 16.97 ? 5   A   A C6    1 
ATOM   98  N  N6    . A   A 1 5 ? -0.762  -1.591  1.274  1.00 19.07 ? 5   A   A N6    1 
ATOM   99  N  N1    . A   A 1 5 ? -2.741  -2.704  0.805  1.00 16.73 ? 5   A   A N1    1 
ATOM   100 C  C2    . A   A 1 5 ? -4.007  -2.993  1.141  1.00 16.74 ? 5   A   A C2    1 
ATOM   101 N  N3    . A   A 1 5 ? -4.703  -2.583  2.196  1.00 16.85 ? 5   A   A N3    1 
ATOM   102 C  C4    . A   A 1 5 ? -3.962  -1.790  2.987  1.00 15.38 ? 5   A   A C4    1 
ATOM   103 P  P     . C   A 1 6 ? -5.074  -3.466  9.034  1.00 18.81 ? 6   C   A P     1 
ATOM   104 O  OP1   . C   A 1 6 ? -5.884  -3.932  10.199 1.00 19.05 ? 6   C   A OP1   1 
ATOM   105 O  OP2   . C   A 1 6 ? -3.771  -2.804  9.282  1.00 18.95 ? 6   C   A OP2   1 
ATOM   106 O  "O5'" . C   A 1 6 ? -4.807  -4.709  8.076  1.00 17.56 ? 6   C   A "O5'" 1 
ATOM   107 C  "C5'" . C   A 1 6 ? -5.882  -5.523  7.642  1.00 18.48 ? 6   C   A "C5'" 1 
ATOM   108 C  "C4'" . C   A 1 6 ? -5.449  -6.414  6.513  1.00 17.15 ? 6   C   A "C4'" 1 
ATOM   109 O  "O4'" . C   A 1 6 ? -5.056  -5.612  5.369  1.00 16.69 ? 6   C   A "O4'" 1 
ATOM   110 C  "C3'" . C   A 1 6 ? -4.233  -7.271  6.782  1.00 17.47 ? 6   C   A "C3'" 1 
ATOM   111 O  "O3'" . C   A 1 6 ? -4.535  -8.406  7.578  1.00 17.91 ? 6   C   A "O3'" 1 
ATOM   112 C  "C2'" . C   A 1 6 ? -3.746  -7.603  5.371  1.00 17.92 ? 6   C   A "C2'" 1 
ATOM   113 O  "O2'" . C   A 1 6 ? -4.496  -8.674  4.822  1.00 18.65 ? 6   C   A "O2'" 1 
ATOM   114 C  "C1'" . C   A 1 6 ? -4.089  -6.317  4.611  1.00 16.79 ? 6   C   A "C1'" 1 
ATOM   115 N  N1    . C   A 1 6 ? -2.898  -5.465  4.405  1.00 16.68 ? 6   C   A N1    1 
ATOM   116 C  C2    . C   A 1 6 ? -2.131  -5.693  3.267  1.00 17.50 ? 6   C   A C2    1 
ATOM   117 O  O2    . C   A 1 6 ? -2.481  -6.589  2.489  1.00 16.81 ? 6   C   A O2    1 
ATOM   118 N  N3    . C   A 1 6 ? -1.035  -4.941  3.036  1.00 13.66 ? 6   C   A N3    1 
ATOM   119 C  C4    . C   A 1 6 ? -0.691  -3.992  3.904  1.00 15.49 ? 6   C   A C4    1 
ATOM   120 N  N4    . C   A 1 6 ? 0.401   -3.276  3.631  1.00 16.94 ? 6   C   A N4    1 
ATOM   121 C  C5    . C   A 1 6 ? -1.452  -3.737  5.082  1.00 16.59 ? 6   C   A C5    1 
ATOM   122 C  C6    . C   A 1 6 ? -2.543  -4.486  5.288  1.00 17.53 ? 6   C   A C6    1 
ATOM   123 P  P     . G   A 1 7 ? -3.347  -9.241  8.245  1.00 18.92 ? 7   G   A P     1 
ATOM   124 O  OP1   . G   A 1 7 ? -3.969  -10.400 8.934  1.00 21.10 ? 7   G   A OP1   1 
ATOM   125 O  OP2   . G   A 1 7 ? -2.461  -8.341  9.020  1.00 19.82 ? 7   G   A OP2   1 
ATOM   126 O  "O5'" . G   A 1 7 ? -2.556  -9.751  6.969  1.00 18.18 ? 7   G   A "O5'" 1 
ATOM   127 C  "C5'" . G   A 1 7 ? -1.173  -10.019 7.019  1.00 17.54 ? 7   G   A "C5'" 1 
ATOM   128 C  "C4'" . G   A 1 7 ? -0.699  -10.439 5.659  1.00 17.46 ? 7   G   A "C4'" 1 
ATOM   129 O  "O4'" . G   A 1 7 ? -0.923  -9.362  4.711  1.00 17.10 ? 7   G   A "O4'" 1 
ATOM   130 C  "C3'" . G   A 1 7 ? 0.784   -10.731 5.556  1.00 18.30 ? 7   G   A "C3'" 1 
ATOM   131 O  "O3'" . G   A 1 7 ? 1.091   -12.043 5.970  1.00 21.27 ? 7   G   A "O3'" 1 
ATOM   132 C  "C2'" . G   A 1 7 ? 1.076   -10.472 4.091  1.00 17.71 ? 7   G   A "C2'" 1 
ATOM   133 O  "O2'" . G   A 1 7 ? 0.616   -11.562 3.300  1.00 18.58 ? 7   G   A "O2'" 1 
ATOM   134 C  "C1'" . G   A 1 7 ? 0.178   -9.274  3.829  1.00 16.76 ? 7   G   A "C1'" 1 
ATOM   135 N  N9    . G   A 1 7 ? 0.869   -7.996  4.081  1.00 17.21 ? 7   G   A N9    1 
ATOM   136 C  C8    . G   A 1 7 ? 0.653   -7.091  5.092  1.00 17.62 ? 7   G   A C8    1 
ATOM   137 N  N7    . G   A 1 7 ? 1.423   -6.032  5.002  1.00 16.79 ? 7   G   A N7    1 
ATOM   138 C  C5    . G   A 1 7 ? 2.178   -6.258  3.851  1.00 16.74 ? 7   G   A C5    1 
ATOM   139 C  C6    . G   A 1 7 ? 3.182   -5.474  3.221  1.00 18.17 ? 7   G   A C6    1 
ATOM   140 O  O6    . G   A 1 7 ? 3.631   -4.370  3.563  1.00 17.92 ? 7   G   A O6    1 
ATOM   141 N  N1    . G   A 1 7 ? 3.685   -6.087  2.069  1.00 17.83 ? 7   G   A N1    1 
ATOM   142 C  C2    . G   A 1 7 ? 3.281   -7.312  1.599  1.00 16.19 ? 7   G   A C2    1 
ATOM   143 N  N2    . G   A 1 7 ? 3.891   -7.739  0.485  1.00 17.53 ? 7   G   A N2    1 
ATOM   144 N  N3    . G   A 1 7 ? 2.342   -8.049  2.170  1.00 16.53 ? 7   G   A N3    1 
ATOM   145 C  C4    . G   A 1 7 ? 1.836   -7.460  3.275  1.00 15.77 ? 7   G   A C4    1 
ATOM   146 P  P     . A   A 1 8 ? 2.449   -12.322 6.775  1.00 20.86 ? 8   A   A P     1 
ATOM   147 O  OP1   . A   A 1 8 ? 2.423   -13.758 7.151  1.00 24.56 ? 8   A   A OP1   1 
ATOM   148 O  OP2   . A   A 1 8 ? 2.621   -11.272 7.818  1.00 21.69 ? 8   A   A OP2   1 
ATOM   149 O  "O5'" . A   A 1 8 ? 3.589   -12.100 5.693  1.00 19.78 ? 8   A   A "O5'" 1 
ATOM   150 C  "C5'" . A   A 1 8 ? 3.716   -12.980 4.587  1.00 20.68 ? 8   A   A "C5'" 1 
ATOM   151 C  "C4'" . A   A 1 8 ? 4.816   -12.533 3.659  1.00 23.08 ? 8   A   A "C4'" 1 
ATOM   152 O  "O4'" . A   A 1 8 ? 4.480   -11.246 3.082  1.00 22.95 ? 8   A   A "O4'" 1 
ATOM   153 C  "C3'" . A   A 1 8 ? 6.176   -12.298 4.301  1.00 23.49 ? 8   A   A "C3'" 1 
ATOM   154 O  "O3'" . A   A 1 8 ? 6.900   -13.497 4.538  1.00 27.66 ? 8   A   A "O3'" 1 
ATOM   155 C  "C2'" . A   A 1 8 ? 6.843   -11.363 3.304  1.00 24.80 ? 8   A   A "C2'" 1 
ATOM   156 O  "O2'" . A   A 1 8 ? 7.288   -12.088 2.167  1.00 27.92 ? 8   A   A "O2'" 1 
ATOM   157 C  "C1'" . A   A 1 8 ? 5.659   -10.492 2.877  1.00 22.33 ? 8   A   A "C1'" 1 
ATOM   158 N  N9    . A   A 1 8 ? 5.569   -9.257  3.678  1.00 19.55 ? 8   A   A N9    1 
ATOM   159 C  C8    . A   A 1 8 ? 4.847   -9.035  4.825  1.00 18.91 ? 8   A   A C8    1 
ATOM   160 N  N7    . A   A 1 8 ? 4.992   -7.823  5.306  1.00 17.64 ? 8   A   A N7    1 
ATOM   161 C  C5    . A   A 1 8 ? 5.868   -7.215  4.415  1.00 17.89 ? 8   A   A C5    1 
ATOM   162 C  C6    . A   A 1 8 ? 6.423   -5.922  4.353  1.00 18.31 ? 8   A   A C6    1 
ATOM   163 N  N6    . A   A 1 8 ? 6.168   -4.944  5.229  1.00 17.70 ? 8   A   A N6    1 
ATOM   164 N  N1    . A   A 1 8 ? 7.257   -5.652  3.319  1.00 19.81 ? 8   A   A N1    1 
ATOM   165 C  C2    . A   A 1 8 ? 7.521   -6.611  2.423  1.00 19.97 ? 8   A   A C2    1 
ATOM   166 N  N3    . A   A 1 8 ? 7.056   -7.859  2.381  1.00 21.24 ? 8   A   A N3    1 
ATOM   167 C  C4    . A   A 1 8 ? 6.230   -8.091  3.411  1.00 18.51 ? 8   A   A C4    1 
ATOM   168 O  "O5'" . U   B 1 1 ? 9.393   2.138   0.171  1.00 27.65 ? 1   U   B "O5'" 1 
ATOM   169 C  "C5'" . U   B 1 1 ? 10.634  2.079   -0.523 1.00 24.94 ? 1   U   B "C5'" 1 
ATOM   170 C  "C4'" . U   B 1 1 ? 11.091  0.654   -0.709 1.00 22.63 ? 1   U   B "C4'" 1 
ATOM   171 O  "O4'" . U   B 1 1 ? 11.184  -0.001  0.579  1.00 21.26 ? 1   U   B "O4'" 1 
ATOM   172 C  "C3'" . U   B 1 1 ? 10.160  -0.237  -1.523 1.00 22.52 ? 1   U   B "C3'" 1 
ATOM   173 O  "O3'" . U   B 1 1 ? 10.416  -0.105  -2.904 1.00 22.99 ? 1   U   B "O3'" 1 
ATOM   174 C  "C2'" . U   B 1 1 ? 10.475  -1.628  -0.999 1.00 20.57 ? 1   U   B "C2'" 1 
ATOM   175 O  "O2'" . U   B 1 1 ? 11.677  -2.111  -1.589 1.00 22.75 ? 1   U   B "O2'" 1 
ATOM   176 C  "C1'" . U   B 1 1 ? 10.768  -1.343  0.472  1.00 19.70 ? 1   U   B "C1'" 1 
ATOM   177 N  N1    . U   B 1 1 ? 9.630   -1.564  1.401  1.00 18.70 ? 1   U   B N1    1 
ATOM   178 C  C2    . U   B 1 1 ? 9.256   -2.863  1.687  1.00 17.32 ? 1   U   B C2    1 
ATOM   179 O  O2    . U   B 1 1 ? 9.771   -3.827  1.162  1.00 20.12 ? 1   U   B O2    1 
ATOM   180 N  N3    . U   B 1 1 ? 8.249   -2.999  2.614  1.00 18.39 ? 1   U   B N3    1 
ATOM   181 C  C4    . U   B 1 1 ? 7.605   -1.989  3.284  1.00 18.28 ? 1   U   B C4    1 
ATOM   182 O  O4    . U   B 1 1 ? 6.722   -2.289  4.097  1.00 19.98 ? 1   U   B O4    1 
ATOM   183 C  C5    . U   B 1 1 ? 8.050   -0.667  2.949  1.00 18.77 ? 1   U   B C5    1 
ATOM   184 C  C6    . U   B 1 1 ? 9.030   -0.507  2.049  1.00 19.19 ? 1   U   B C6    1 
ATOM   185 P  P     . C   B 1 2 ? 9.245   -0.250  -3.984 1.00 22.92 ? 2   C   B P     1 
ATOM   186 O  OP1   . C   B 1 2 ? 9.922   -0.020  -5.297 1.00 23.05 ? 2   C   B OP1   1 
ATOM   187 O  OP2   . C   B 1 2 ? 8.087   0.572   -3.556 1.00 25.13 ? 2   C   B OP2   1 
ATOM   188 O  "O5'" . C   B 1 2 ? 8.795   -1.769  -3.879 1.00 21.41 ? 2   C   B "O5'" 1 
ATOM   189 C  "C5'" . C   B 1 2 ? 9.613   -2.818  -4.352 1.00 19.49 ? 2   C   B "C5'" 1 
ATOM   190 C  "C4'" . C   B 1 2 ? 8.998   -4.143  -4.011 1.00 21.53 ? 2   C   B "C4'" 1 
ATOM   191 O  "O4'" . C   B 1 2 ? 8.998   -4.339  -2.573 1.00 20.48 ? 2   C   B "O4'" 1 
ATOM   192 C  "C3'" . C   B 1 2 ? 7.538   -4.306  -4.382 1.00 21.93 ? 2   C   B "C3'" 1 
ATOM   193 O  "O3'" . C   B 1 2 ? 7.338   -4.534  -5.762 1.00 23.44 ? 2   C   B "O3'" 1 
ATOM   194 C  "C2'" . C   B 1 2 ? 7.115   -5.462  -3.488 1.00 20.56 ? 2   C   B "C2'" 1 
ATOM   195 O  "O2'" . C   B 1 2 ? 7.634   -6.690  -3.980 1.00 23.04 ? 2   C   B "O2'" 1 
ATOM   196 C  "C1'" . C   B 1 2 ? 7.874   -5.120  -2.207 1.00 20.82 ? 2   C   B "C1'" 1 
ATOM   197 N  N1    . C   B 1 2 ? 7.050   -4.363  -1.237 1.00 17.31 ? 2   C   B N1    1 
ATOM   198 C  C2    . C   B 1 2 ? 6.203   -5.105  -0.419 1.00 18.86 ? 2   C   B C2    1 
ATOM   199 O  O2    . C   B 1 2 ? 6.158   -6.338  -0.565 1.00 18.97 ? 2   C   B O2    1 
ATOM   200 N  N3    . C   B 1 2 ? 5.454   -4.452  0.500  1.00 16.93 ? 2   C   B N3    1 
ATOM   201 C  C4    . C   B 1 2 ? 5.519   -3.127  0.613  1.00 16.31 ? 2   C   B C4    1 
ATOM   202 N  N4    . C   B 1 2 ? 4.754   -2.554  1.547  1.00 17.97 ? 2   C   B N4    1 
ATOM   203 C  C5    . C   B 1 2 ? 6.376   -2.335  -0.215 1.00 18.50 ? 2   C   B C5    1 
ATOM   204 C  C6    . C   B 1 2 ? 7.120   -2.998  -1.115 1.00 18.84 ? 2   C   B C6    1 
ATOM   205 P  P     . G   B 1 3 ? 5.952   -4.107  -6.446 1.00 23.74 ? 3   G   B P     1 
ATOM   206 O  OP1   . G   B 1 3 ? 6.118   -4.318  -7.914 1.00 25.94 ? 3   G   B OP1   1 
ATOM   207 O  OP2   . G   B 1 3 ? 5.518   -2.780  -5.961 1.00 23.35 ? 3   G   B OP2   1 
ATOM   208 O  "O5'" . G   B 1 3 ? 4.897   -5.152  -5.877 1.00 19.88 ? 3   G   B "O5'" 1 
ATOM   209 C  "C5'" . G   B 1 3 ? 4.961   -6.515  -6.252 1.00 20.14 ? 3   G   B "C5'" 1 
ATOM   210 C  "C4'" . G   B 1 3 ? 3.834   -7.299  -5.638 1.00 20.88 ? 3   G   B "C4'" 1 
ATOM   211 O  "O4'" . G   B 1 3 ? 4.009   -7.356  -4.203 1.00 20.57 ? 3   G   B "O4'" 1 
ATOM   212 C  "C3'" . G   B 1 3 ? 2.440   -6.723  -5.803 1.00 20.96 ? 3   G   B "C3'" 1 
ATOM   213 O  "O3'" . G   B 1 3 ? 1.885   -6.961  -7.084 1.00 21.40 ? 3   G   B "O3'" 1 
ATOM   214 C  "C2'" . G   B 1 3 ? 1.681   -7.391  -4.665 1.00 17.95 ? 3   G   B "C2'" 1 
ATOM   215 O  "O2'" . G   B 1 3 ? 1.427   -8.757  -4.969 1.00 20.79 ? 3   G   B "O2'" 1 
ATOM   216 C  "C1'" . G   B 1 3 ? 2.741   -7.389  -3.571 1.00 18.81 ? 3   G   B "C1'" 1 
ATOM   217 N  N9    . G   B 1 3 ? 2.651   -6.251  -2.639 1.00 15.91 ? 3   G   B N9    1 
ATOM   218 C  C8    . G   B 1 3 ? 3.425   -5.115  -2.639 1.00 18.90 ? 3   G   B C8    1 
ATOM   219 N  N7    . G   B 1 3 ? 3.146   -4.306  -1.654 1.00 17.99 ? 3   G   B N7    1 
ATOM   220 C  C5    . G   B 1 3 ? 2.139   -4.958  -0.946 1.00 15.74 ? 3   G   B C5    1 
ATOM   221 C  C6    . G   B 1 3 ? 1.439   -4.572  0.233  1.00 15.88 ? 3   G   B C6    1 
ATOM   222 O  O6    . G   B 1 3 ? 1.569   -3.557  0.927  1.00 15.83 ? 3   G   B O6    1 
ATOM   223 N  N1    . G   B 1 3 ? 0.497   -5.535  0.589  1.00 14.88 ? 3   G   B N1    1 
ATOM   224 C  C2    . G   B 1 3 ? 0.253   -6.705  -0.091 1.00 16.14 ? 3   G   B C2    1 
ATOM   225 N  N2    . G   B 1 3 ? -0.708  -7.501  0.404  1.00 15.44 ? 3   G   B N2    1 
ATOM   226 N  N3    . G   B 1 3 ? 0.902   -7.080  -1.176 1.00 15.15 ? 3   G   B N3    1 
ATOM   227 C  C4    . G   B 1 3 ? 1.819   -6.159  -1.544 1.00 15.87 ? 3   G   B C4    1 
ATOM   228 P  P     . U   B 1 4 ? 0.986   -5.837  -7.788 1.00 22.30 ? 4   U   B P     1 
ATOM   229 O  OP1   . U   B 1 4 ? 0.752   -6.324  -9.180 1.00 24.45 ? 4   U   B OP1   1 
ATOM   230 O  OP2   . U   B 1 4 ? 1.533   -4.471  -7.577 1.00 22.37 ? 4   U   B OP2   1 
ATOM   231 O  "O5'" . U   B 1 4 ? -0.394  -5.912  -7.006 1.00 20.23 ? 4   U   B "O5'" 1 
ATOM   232 C  "C5'" . U   B 1 4 ? -1.240  -7.036  -7.164 1.00 23.66 ? 4   U   B "C5'" 1 
ATOM   233 C  "C4'" . U   B 1 4 ? -2.367  -6.999  -6.174 1.00 21.41 ? 4   U   B "C4'" 1 
ATOM   234 O  "O4'" . U   B 1 4 ? -1.847  -7.102  -4.826 1.00 20.36 ? 4   U   B "O4'" 1 
ATOM   235 C  "C3'" . U   B 1 4 ? -3.177  -5.719  -6.136 1.00 20.87 ? 4   U   B "C3'" 1 
ATOM   236 O  "O3'" . U   B 1 4 ? -4.095  -5.597  -7.198 1.00 21.91 ? 4   U   B "O3'" 1 
ATOM   237 C  "C2'" . U   B 1 4 ? -3.825  -5.795  -4.767 1.00 21.46 ? 4   U   B "C2'" 1 
ATOM   238 O  "O2'" . U   B 1 4 ? -4.887  -6.741  -4.762 1.00 21.22 ? 4   U   B "O2'" 1 
ATOM   239 C  "C1'" . U   B 1 4 ? -2.678  -6.373  -3.943 1.00 19.44 ? 4   U   B "C1'" 1 
ATOM   240 N  N1    . U   B 1 4 ? -1.886  -5.298  -3.318 1.00 19.02 ? 4   U   B N1    1 
ATOM   241 C  C2    . U   B 1 4 ? -2.405  -4.781  -2.149 1.00 18.86 ? 4   U   B C2    1 
ATOM   242 O  O2    . U   B 1 4 ? -3.444  -5.199  -1.653 1.00 19.76 ? 4   U   B O2    1 
ATOM   243 N  N3    . U   B 1 4 ? -1.667  -3.775  -1.591 1.00 17.04 ? 4   U   B N3    1 
ATOM   244 C  C4    . U   B 1 4 ? -0.491  -3.244  -2.091 1.00 19.25 ? 4   U   B C4    1 
ATOM   245 O  O4    . U   B 1 4 ? 0.065   -2.334  -1.487 1.00 18.36 ? 4   U   B O4    1 
ATOM   246 C  C5    . U   B 1 4 ? -0.034  -3.819  -3.322 1.00 18.47 ? 4   U   B C5    1 
ATOM   247 C  C6    . U   B 1 4 ? -0.734  -4.804  -3.890 1.00 19.80 ? 4   U   B C6    1 
ATOM   248 P  P     . A   B 1 5 ? -4.430  -4.138  -7.765 1.00 22.98 ? 5   A   B P     1 
ATOM   249 O  OP1   . A   B 1 5 ? -5.360  -4.385  -8.900 1.00 24.63 ? 5   A   B OP1   1 
ATOM   250 O  OP2   . A   B 1 5 ? -3.181  -3.364  -7.993 1.00 22.75 ? 5   A   B OP2   1 
ATOM   251 O  "O5'" . A   B 1 5 ? -5.265  -3.421  -6.618 1.00 20.60 ? 5   A   B "O5'" 1 
ATOM   252 C  "C5'" . A   B 1 5 ? -6.549  -3.907  -6.255 1.00 22.48 ? 5   A   B "C5'" 1 
ATOM   253 C  "C4'" . A   B 1 5 ? -7.079  -3.225  -5.023 1.00 21.62 ? 5   A   B "C4'" 1 
ATOM   254 O  "O4'" . A   B 1 5 ? -6.187  -3.449  -3.898 1.00 22.12 ? 5   A   B "O4'" 1 
ATOM   255 C  "C3'" . A   B 1 5 ? -7.185  -1.715  -5.099 1.00 20.12 ? 5   A   B "C3'" 1 
ATOM   256 O  "O3'" . A   B 1 5 ? -8.330  -1.286  -5.807 1.00 22.05 ? 5   A   B "O3'" 1 
ATOM   257 C  "C2'" . A   B 1 5 ? -7.194  -1.319  -3.631 1.00 20.90 ? 5   A   B "C2'" 1 
ATOM   258 O  "O2'" . A   B 1 5 ? -8.454  -1.618  -3.056 1.00 22.47 ? 5   A   B "O2'" 1 
ATOM   259 C  "C1'" . A   B 1 5 ? -6.187  -2.309  -3.057 1.00 19.76 ? 5   A   B "C1'" 1 
ATOM   260 N  N9    . A   B 1 5 ? -4.814  -1.763  -2.989 1.00 18.46 ? 5   A   B N9    1 
ATOM   261 C  C8    . A   B 1 5 ? -3.766  -1.969  -3.860 1.00 20.02 ? 5   A   B C8    1 
ATOM   262 N  N7    . A   B 1 5 ? -2.648  -1.363  -3.506 1.00 20.27 ? 5   A   B N7    1 
ATOM   263 C  C5    . A   B 1 5 ? -2.982  -0.733  -2.310 1.00 17.12 ? 5   A   B C5    1 
ATOM   264 C  C6    . A   B 1 5 ? -2.240  0.077   -1.415 1.00 18.50 ? 5   A   B C6    1 
ATOM   265 N  N6    . A   B 1 5 ? -0.952  0.409   -1.578 1.00 18.60 ? 5   A   B N6    1 
ATOM   266 N  N1    . A   B 1 5 ? -2.879  0.540   -0.322 1.00 16.86 ? 5   A   B N1    1 
ATOM   267 C  C2    . A   B 1 5 ? -4.169  0.226   -0.138 1.00 17.22 ? 5   A   B C2    1 
ATOM   268 N  N3    . A   B 1 5 ? -4.970  -0.519  -0.907 1.00 18.44 ? 5   A   B N3    1 
ATOM   269 C  C4    . A   B 1 5 ? -4.307  -0.970  -1.984 1.00 17.71 ? 5   A   B C4    1 
ATOM   270 P  P     . C   B 1 6 ? -8.287  0.063   -6.673 1.00 23.38 ? 6   C   B P     1 
ATOM   271 O  OP1   . C   B 1 6 ? -9.570  0.067   -7.432 1.00 24.92 ? 6   C   B OP1   1 
ATOM   272 O  OP2   . C   B 1 6 ? -6.968  0.197   -7.345 1.00 22.93 ? 6   C   B OP2   1 
ATOM   273 O  "O5'" . C   B 1 6 ? -8.394  1.229   -5.603 1.00 21.49 ? 6   C   B "O5'" 1 
ATOM   274 C  "C5'" . C   B 1 6 ? -9.604  1.422   -4.894 1.00 21.55 ? 6   C   B "C5'" 1 
ATOM   275 C  "C4'" . C   B 1 6 ? -9.421  2.351   -3.724 1.00 22.45 ? 6   C   B "C4'" 1 
ATOM   276 O  "O4'" . C   B 1 6 ? -8.461  1.802   -2.783 1.00 19.19 ? 6   C   B "O4'" 1 
ATOM   277 C  "C3'" . C   B 1 6 ? -8.864  3.729   -4.032 1.00 21.15 ? 6   C   B "C3'" 1 
ATOM   278 O  "O3'" . C   B 1 6 ? -9.836  4.585   -4.600 1.00 21.50 ? 6   C   B "O3'" 1 
ATOM   279 C  "C2'" . C   B 1 6 ? -8.377  4.170   -2.663 1.00 19.63 ? 6   C   B "C2'" 1 
ATOM   280 O  "O2'" . C   B 1 6 ? -9.491  4.506   -1.848 1.00 22.95 ? 6   C   B "O2'" 1 
ATOM   281 C  "C1'" . C   B 1 6 ? -7.772  2.863   -2.144 1.00 19.63 ? 6   C   B "C1'" 1 
ATOM   282 N  N1    . C   B 1 6 ? -6.329  2.773   -2.477 1.00 18.14 ? 6   C   B N1    1 
ATOM   283 C  C2    . C   B 1 6 ? -5.431  3.429   -1.628 1.00 18.59 ? 6   C   B C2    1 
ATOM   284 O  O2    . C   B 1 6 ? -5.881  4.027   -0.641 1.00 20.06 ? 6   C   B O2    1 
ATOM   285 N  N3    . C   B 1 6 ? -4.109  3.389   -1.895 1.00 16.87 ? 6   C   B N3    1 
ATOM   286 C  C4    . C   B 1 6 ? -3.670  2.735   -2.978 1.00 19.04 ? 6   C   B C4    1 
ATOM   287 N  N4    . C   B 1 6 ? -2.357  2.723   -3.221 1.00 19.03 ? 6   C   B N4    1 
ATOM   288 C  C5    . C   B 1 6 ? -4.559  2.069   -3.869 1.00 18.63 ? 6   C   B C5    1 
ATOM   289 C  C6    . C   B 1 6 ? -5.866  2.111   -3.585 1.00 17.65 ? 6   C   B C6    1 
ATOM   290 P  P     . G   B 1 7 ? -9.418  5.764   -5.608 1.00 23.98 ? 7   G   B P     1 
ATOM   291 O  OP1   . G   B 1 7 ? -10.645 6.200   -6.304 1.00 27.24 ? 7   G   B OP1   1 
ATOM   292 O  OP2   . G   B 1 7 ? -8.194  5.419   -6.372 1.00 24.98 ? 7   G   B OP2   1 
ATOM   293 O  "O5'" . G   B 1 7 ? -9.167  6.978   -4.651 1.00 31.04 ? 7   G   B "O5'" 1 
ATOM   294 C  "C5'" . G   B 1 7 ? -7.865  7.238   -4.263 1.00 25.89 ? 7   G   B "C5'" 1 
ATOM   295 C  "C4'" . G   B 1 7 ? -7.811  8.127   -3.072 1.00 27.04 ? 7   G   B "C4'" 1 
ATOM   296 O  "O4'" . G   B 1 7 ? -7.123  7.395   -2.036 1.00 23.98 ? 7   G   B "O4'" 1 
ATOM   297 C  "C3'" . G   B 1 7 ? -6.960  9.353   -3.359 1.00 25.43 ? 7   G   B "C3'" 1 
ATOM   298 O  "O3'" . G   B 1 7 ? -7.763  10.488  -3.605 1.00 27.22 ? 7   G   B "O3'" 1 
ATOM   299 C  "C2'" . G   B 1 7 ? -6.044  9.480   -2.157 1.00 23.74 ? 7   G   B "C2'" 1 
ATOM   300 O  "O2'" . G   B 1 7 ? -6.674  10.230  -1.132 1.00 25.68 ? 7   G   B "O2'" 1 
ATOM   301 C  "C1'" . G   B 1 7 ? -5.920  8.031   -1.716 1.00 21.20 ? 7   G   B "C1'" 1 
ATOM   302 N  N9    . G   B 1 7 ? -4.870  7.295   -2.446 1.00 19.00 ? 7   G   B N9    1 
ATOM   303 C  C8    . G   B 1 7 ? -5.027  6.329   -3.417 1.00 20.36 ? 7   G   B C8    1 
ATOM   304 N  N7    . G   B 1 7 ? -3.909  5.829   -3.864 1.00 20.64 ? 7   G   B N7    1 
ATOM   305 C  C5    . G   B 1 7 ? -2.957  6.497   -3.113 1.00 16.93 ? 7   G   B C5    1 
ATOM   306 C  C6    . G   B 1 7 ? -1.548  6.381   -3.120 1.00 17.75 ? 7   G   B C6    1 
ATOM   307 O  O6    . G   B 1 7 ? -0.847  5.626   -3.812 1.00 19.02 ? 7   G   B O6    1 
ATOM   308 N  N1    . G   B 1 7 ? -0.972  7.250   -2.198 1.00 18.61 ? 7   G   B N1    1 
ATOM   309 C  C2    . G   B 1 7 ? -1.656  8.114   -1.379 1.00 18.60 ? 7   G   B C2    1 
ATOM   310 N  N2    . G   B 1 7 ? -0.929  8.878   -0.562 1.00 20.30 ? 7   G   B N2    1 
ATOM   311 N  N3    . G   B 1 7 ? -2.966  8.219   -1.351 1.00 18.33 ? 7   G   B N3    1 
ATOM   312 C  C4    . G   B 1 7 ? -3.534  7.392   -2.234 1.00 18.67 ? 7   G   B C4    1 
ATOM   313 P  P     . A   B 1 8 ? -7.399  11.471  -4.813 1.00 29.01 ? 8   A   B P     1 
ATOM   314 O  OP1   . A   B 1 8 ? -8.388  12.582  -4.782 1.00 32.94 ? 8   A   B OP1   1 
ATOM   315 O  OP2   . A   B 1 8 ? -7.213  10.667  -6.044 1.00 29.64 ? 8   A   B OP2   1 
ATOM   316 O  "O5'" . A   B 1 8 ? -5.994  12.079  -4.384 1.00 25.79 ? 8   A   B "O5'" 1 
ATOM   317 C  "C5'" . A   B 1 8 ? -5.887  12.879  -3.218 1.00 25.58 ? 8   A   B "C5'" 1 
ATOM   318 C  "C4'" . A   B 1 8 ? -4.449  13.147  -2.876 1.00 24.63 ? 8   A   B "C4'" 1 
ATOM   319 O  "O4'" . A   B 1 8 ? -3.800  11.913  -2.471 1.00 23.30 ? 8   A   B "O4'" 1 
ATOM   320 C  "C3'" . A   B 1 8 ? -3.582  13.653  -4.016 1.00 24.01 ? 8   A   B "C3'" 1 
ATOM   321 O  "O3'" . A   B 1 8 ? -3.749  15.039  -4.262 1.00 25.71 ? 8   A   B "O3'" 1 
ATOM   322 C  "C2'" . A   B 1 8 ? -2.185  13.280  -3.550 1.00 22.41 ? 8   A   B "C2'" 1 
ATOM   323 O  "O2'" . A   B 1 8 ? -1.736  14.189  -2.558 1.00 25.83 ? 8   A   B "O2'" 1 
ATOM   324 C  "C1'" . A   B 1 8 ? -2.446  11.932  -2.879 1.00 23.27 ? 8   A   B "C1'" 1 
ATOM   325 N  N9    . A   B 1 8 ? -2.214  10.806  -3.801 1.00 19.50 ? 8   A   B N9    1 
ATOM   326 C  C8    . A   B 1 8 ? -3.126  10.176  -4.613 1.00 19.95 ? 8   A   B C8    1 
ATOM   327 N  N7    . A   B 1 8 ? -2.611  9.200   -5.322 1.00 18.46 ? 8   A   B N7    1 
ATOM   328 C  C5    . A   B 1 8 ? -1.272  9.199   -4.946 1.00 17.70 ? 8   A   B C5    1 
ATOM   329 C  C6    . A   B 1 8 ? -0.182  8.406   -5.339 1.00 18.60 ? 8   A   B C6    1 
ATOM   330 N  N6    . A   B 1 8 ? -0.275  7.414   -6.223 1.00 20.77 ? 8   A   B N6    1 
ATOM   331 N  N1    . A   B 1 8 ? 1.019   8.661   -4.778 1.00 17.01 ? 8   A   B N1    1 
ATOM   332 C  C2    . A   B 1 8 ? 1.125   9.653   -3.888 1.00 18.97 ? 8   A   B C2    1 
ATOM   333 N  N3    . A   B 1 8 ? 0.177   10.472  -3.438 1.00 19.25 ? 8   A   B N3    1 
ATOM   334 C  C4    . A   B 1 8 ? -1.009  10.187  -4.012 1.00 17.80 ? 8   A   B C4    1 
HETATM 335 CA CA    . CA  C 2 . ? 2.682   0.938   0.746  1.00 19.36 ? 101 CA  A CA    1 
HETATM 336 CA CA    . CA  D 2 . ? -4.192  -12.713 8.669  0.33 18.37 ? 102 CA  A CA    1 
HETATM 337 CA CA    . CA  E 2 . ? -11.078 -1.981  -4.143 0.15 21.93 ? 101 CA  B CA    1 
HETATM 338 O  O     . HOH F 3 . ? -4.339  1.286   12.017 1.00 23.56 ? 201 HOH A O     1 
HETATM 339 O  O     . HOH F 3 . ? -6.522  2.348   1.876  1.00 27.03 ? 202 HOH A O     1 
HETATM 340 O  O     . HOH F 3 . ? -4.579  -7.055  0.706  1.00 26.44 ? 203 HOH A O     1 
HETATM 341 O  O     . HOH F 3 . ? -6.352  5.001   3.623  1.00 26.77 ? 204 HOH A O     1 
HETATM 342 O  O     . HOH F 3 . ? -3.368  -7.084  11.378 1.00 25.02 ? 205 HOH A O     1 
HETATM 343 O  O     . HOH F 3 . ? 1.458   -15.981 5.640  1.00 35.52 ? 206 HOH A O     1 
HETATM 344 O  O     . HOH F 3 . ? -7.673  -1.792  11.001 1.00 21.42 ? 207 HOH A O     1 
HETATM 345 O  O     . HOH F 3 . ? -4.723  -12.584 11.121 1.00 25.81 ? 208 HOH A O     1 
HETATM 346 O  O     . HOH F 3 . ? -7.176  -8.061  3.116  0.33 29.75 ? 209 HOH A O     1 
HETATM 347 O  O     . HOH F 3 . ? 8.438   3.770   4.093  1.00 34.65 ? 210 HOH A O     1 
HETATM 348 O  O     . HOH F 3 . ? -4.567  -0.883  13.535 1.00 33.88 ? 211 HOH A O     1 
HETATM 349 O  O     . HOH F 3 . ? 3.148   3.283   1.185  1.00 21.75 ? 212 HOH A O     1 
HETATM 350 O  O     . HOH F 3 . ? 0.335   -0.107  4.724  1.00 21.68 ? 213 HOH A O     1 
HETATM 351 O  O     . HOH F 3 . ? 1.590   1.993   -1.118 1.00 21.52 ? 214 HOH A O     1 
HETATM 352 O  O     . HOH F 3 . ? 2.393   -0.232  2.820  1.00 20.45 ? 215 HOH A O     1 
HETATM 353 O  O     . HOH F 3 . ? 2.951   2.228   -3.323 1.00 26.54 ? 216 HOH A O     1 
HETATM 354 O  O     . HOH F 3 . ? -1.624  -1.695  7.805  1.00 25.33 ? 217 HOH A O     1 
HETATM 355 O  O     . HOH F 3 . ? -5.282  8.126   2.697  1.00 34.28 ? 218 HOH A O     1 
HETATM 356 O  O     . HOH F 3 . ? -0.897  -6.513  7.996  1.00 24.76 ? 219 HOH A O     1 
HETATM 357 O  O     . HOH F 3 . ? 3.415   3.875   4.292  1.00 26.23 ? 220 HOH A O     1 
HETATM 358 O  O     . HOH F 3 . ? 4.883   1.564   4.169  1.00 30.48 ? 221 HOH A O     1 
HETATM 359 O  O     . HOH F 3 . ? 5.861   3.839   1.459  1.00 28.46 ? 222 HOH A O     1 
HETATM 360 O  O     . HOH F 3 . ? -3.426  -0.902  11.290 1.00 31.47 ? 223 HOH A O     1 
HETATM 361 O  O     . HOH F 3 . ? 0.674   1.672   6.791  1.00 30.23 ? 224 HOH A O     1 
HETATM 362 O  O     . HOH G 3 . ? -5.163  15.409  -6.440 1.00 33.44 ? 201 HOH B O     1 
HETATM 363 O  O     . HOH G 3 . ? 4.214   -1.474  4.557  1.00 29.26 ? 202 HOH B O     1 
HETATM 364 O  O     . HOH G 3 . ? -4.181  8.104   -7.243 1.00 32.81 ? 203 HOH B O     1 
HETATM 365 O  O     . HOH G 3 . ? -7.603  -0.688  -0.174 1.00 28.76 ? 204 HOH B O     1 
HETATM 366 O  O     . HOH G 3 . ? 0.721   -9.986  -7.337 1.00 24.27 ? 205 HOH B O     1 
HETATM 367 O  O     . HOH G 3 . ? -6.583  -5.682  -2.293 1.00 28.26 ? 206 HOH B O     1 
HETATM 368 O  O     . HOH G 3 . ? -12.203 4.806   -2.389 1.00 30.27 ? 207 HOH B O     1 
HETATM 369 O  O     . HOH G 3 . ? -12.276 -0.104  -6.381 0.30 24.00 ? 208 HOH B O     1 
HETATM 370 O  O     . HOH G 3 . ? 2.408   -11.019 -3.275 1.00 28.85 ? 209 HOH B O     1 
HETATM 371 O  O     . HOH G 3 . ? -2.770  5.820   -6.894 1.00 32.57 ? 210 HOH B O     1 
HETATM 372 O  O     . HOH G 3 . ? -2.157  6.181   -9.093 1.00 33.73 ? 211 HOH B O     1 
HETATM 373 O  O     . HOH G 3 . ? -6.837  -6.436  0.594  1.00 27.11 ? 212 HOH B O     1 
HETATM 374 O  O     . HOH G 3 . ? -4.477  6.016   -8.573 1.00 17.58 ? 213 HOH B O     1 
HETATM 375 O  O     . HOH G 3 . ? -3.960  4.161   -6.385 1.00 34.66 ? 214 HOH B O     1 
HETATM 376 O  O     . HOH G 3 . ? -3.660  3.554   -8.550 1.00 38.32 ? 215 HOH B O     1 
HETATM 377 O  O     . HOH G 3 . ? 4.941   0.582   1.642  1.00 21.57 ? 216 HOH B O     1 
HETATM 378 O  O     . HOH G 3 . ? 3.715   -1.681  -2.647 1.00 20.95 ? 217 HOH B O     1 
HETATM 379 O  O     . HOH G 3 . ? -0.553  -2.726  -7.240 1.00 27.28 ? 218 HOH B O     1 
HETATM 380 O  O     . HOH G 3 . ? 4.123   0.649   -1.108 1.00 23.64 ? 219 HOH B O     1 
HETATM 381 O  O     . HOH G 3 . ? 2.116   -1.179  -0.098 1.00 18.44 ? 220 HOH B O     1 
HETATM 382 O  O     . HOH G 3 . ? 2.705   -2.767  -5.716 1.00 27.24 ? 221 HOH B O     1 
HETATM 383 O  O     . HOH G 3 . ? 1.410   -0.206  -3.584 1.00 25.94 ? 222 HOH B O     1 
HETATM 384 O  O     . HOH G 3 . ? -0.407  -0.905  -5.156 1.00 27.45 ? 223 HOH B O     1 
HETATM 385 O  O     . HOH G 3 . ? 3.656   -3.493  -9.295 1.00 33.13 ? 224 HOH B O     1 
HETATM 386 O  O     . HOH G 3 . ? 6.477   -8.834  -2.698 1.00 33.18 ? 225 HOH B O     1 
HETATM 387 O  O     . HOH G 3 . ? 5.767   -0.995  -4.190 0.57 20.54 ? 226 HOH B O     1 
HETATM 388 O  O     . HOH G 3 . ? 6.781   1.131   -0.474 1.00 26.76 ? 227 HOH B O     1 
HETATM 389 O  O     . HOH G 3 . ? -1.634  1.571   -5.777 1.00 31.34 ? 228 HOH B O     1 
HETATM 390 O  O     . HOH G 3 . ? -4.243  9.904   0.467  1.00 30.16 ? 229 HOH B O     1 
# 
